data_3W5E
#
_entry.id   3W5E
#
_cell.length_a   81.064
_cell.length_b   158.190
_cell.length_c   58.157
_cell.angle_alpha   90.000
_cell.angle_beta   90.000
_cell.angle_gamma   90.000
#
_symmetry.space_group_name_H-M   'P 21 21 2'
#
loop_
_entity.id
_entity.type
_entity.pdbx_description
1 polymer "cAMP-specific 3',5'-cyclic phosphodiesterase 4B"
2 non-polymer N-tert-butyl-2-{4-[(5,5-dioxido-2-phenyl-7,8-dihydro-6H-thiopyrano[3,2-d]pyrimidin-4-yl)amino]phenyl}acetamide
3 non-polymer 'ZINC ION'
4 non-polymer 'CALCIUM ION'
5 water water
#
_entity_poly.entity_id   1
_entity_poly.type   'polypeptide(L)'
_entity_poly.pdbx_seq_one_letter_code
;SISRFGVNTENEDHLAKELEDLNKWGLNIFNVAGYSHNRPLTCIMYAIFQERDLLKTFRISSDTFITYMMTLEDHYHSDV
AYHNSLHAADVAQSTHVLLSTPALDAVFTDLEILAAIFAAAIHDVDHPGVSNQFLINTNSELALMYNDESVLENHHLAVG
FKLLQEEHCDIFMNLTKKQRQTLRKMVIDMVLATDMSKHMSLLADLKTMVETKKVTSSGVLLLDNYTDRIQVLRNMVHCA
DLSNPTKSLELYRQWTDRIMEEFFQQGDKERERGMEISPMCDKHTASVEKSQVGFIDYIVHPLWETWADLVQPDAQDILD
TLEDNRNWYQSMIPQSPSPPLDEQNRDCQGLMEKFQFELTLDEEDSEGPEKEGEGHS
;
_entity_poly.pdbx_strand_id   A,B
#
loop_
_chem_comp.id
_chem_comp.type
_chem_comp.name
_chem_comp.formula
CA non-polymer 'CALCIUM ION' 'Ca 2'
NVW non-polymer N-tert-butyl-2-{4-[(5,5-dioxido-2-phenyl-7,8-dihydro-6H-thiopyrano[3,2-d]pyrimidin-4-yl)amino]phenyl}acetamide 'C25 H28 N4 O3 S'
ZN non-polymer 'ZINC ION' 'Zn 2'
#
# COMPACT_ATOMS: atom_id res chain seq x y z
N SER A 3 0.38 -24.63 -6.51
CA SER A 3 1.39 -24.12 -7.49
C SER A 3 2.16 -22.92 -6.92
N ARG A 4 3.39 -22.73 -7.40
CA ARG A 4 4.10 -21.46 -7.19
C ARG A 4 3.19 -20.24 -7.42
N PHE A 5 2.15 -20.36 -8.26
CA PHE A 5 1.24 -19.25 -8.56
C PHE A 5 0.26 -18.93 -7.44
N GLY A 6 -0.11 -19.97 -6.68
CA GLY A 6 -1.13 -19.84 -5.63
C GLY A 6 -2.40 -20.60 -5.97
N VAL A 7 -2.29 -21.48 -6.97
CA VAL A 7 -3.39 -22.30 -7.43
C VAL A 7 -3.39 -23.59 -6.63
N ASN A 8 -4.51 -23.88 -5.97
CA ASN A 8 -4.66 -25.14 -5.27
C ASN A 8 -4.93 -26.21 -6.31
N THR A 9 -4.41 -27.41 -6.06
CA THR A 9 -4.66 -28.57 -6.91
C THR A 9 -6.16 -28.71 -7.20
N GLU A 10 -6.97 -28.15 -6.31
CA GLU A 10 -8.42 -28.16 -6.42
C GLU A 10 -8.94 -27.55 -7.74
N ASN A 11 -8.61 -26.28 -7.99
CA ASN A 11 -9.17 -25.53 -9.13
C ASN A 11 -8.23 -25.31 -10.34
N GLU A 12 -7.19 -26.14 -10.42
CA GLU A 12 -6.26 -26.14 -11.56
C GLU A 12 -6.96 -26.43 -12.90
N ASP A 13 -8.08 -27.14 -12.83
CA ASP A 13 -8.93 -27.37 -14.02
C ASP A 13 -9.84 -26.16 -14.26
N HIS A 14 -10.26 -25.50 -13.17
CA HIS A 14 -11.10 -24.31 -13.29
C HIS A 14 -10.37 -23.20 -13.97
N LEU A 15 -9.11 -23.03 -13.59
CA LEU A 15 -8.28 -21.99 -14.15
C LEU A 15 -7.99 -22.25 -15.62
N ALA A 16 -7.68 -23.49 -15.97
CA ALA A 16 -7.36 -23.84 -17.36
C ALA A 16 -8.55 -23.63 -18.27
N LYS A 17 -9.75 -23.93 -17.77
CA LYS A 17 -10.96 -23.69 -18.54
C LYS A 17 -11.24 -22.19 -18.72
N GLU A 18 -11.07 -21.42 -17.65
CA GLU A 18 -11.23 -19.98 -17.78
C GLU A 18 -10.20 -19.38 -18.74
N LEU A 19 -8.98 -19.92 -18.71
CA LEU A 19 -7.89 -19.45 -19.56
C LEU A 19 -8.00 -19.91 -21.00
N GLU A 20 -9.00 -20.72 -21.33
CA GLU A 20 -9.22 -21.08 -22.72
C GLU A 20 -9.66 -19.88 -23.55
N ASP A 21 -10.16 -18.84 -22.87
CA ASP A 21 -10.60 -17.63 -23.54
C ASP A 21 -9.56 -16.53 -23.35
N LEU A 22 -8.33 -16.94 -23.01
CA LEU A 22 -7.16 -16.02 -23.01
C LEU A 22 -7.11 -15.06 -24.20
N ASN A 23 -7.47 -15.53 -25.38
CA ASN A 23 -7.43 -14.66 -26.58
C ASN A 23 -8.79 -14.00 -26.91
N LYS A 24 -9.62 -13.81 -25.90
CA LYS A 24 -10.97 -13.31 -26.19
C LYS A 24 -11.19 -12.06 -25.40
N TRP A 25 -12.17 -11.28 -25.85
CA TRP A 25 -12.67 -10.09 -25.19
C TRP A 25 -13.51 -10.47 -24.01
N GLY A 26 -14.13 -11.65 -24.07
CA GLY A 26 -15.02 -12.08 -23.00
C GLY A 26 -14.33 -12.99 -22.00
N LEU A 27 -13.00 -12.95 -21.92
CA LEU A 27 -12.32 -13.57 -20.77
C LEU A 27 -12.87 -12.89 -19.52
N ASN A 28 -13.02 -13.65 -18.43
CA ASN A 28 -13.47 -13.10 -17.15
C ASN A 28 -12.30 -13.08 -16.20
N ILE A 29 -11.73 -11.89 -16.01
CA ILE A 29 -10.51 -11.76 -15.24
C ILE A 29 -10.75 -11.91 -13.73
N PHE A 30 -12.01 -11.82 -13.32
CA PHE A 30 -12.39 -11.98 -11.93
C PHE A 30 -12.27 -13.45 -11.54
N ASN A 31 -12.83 -14.32 -12.36
CA ASN A 31 -12.63 -15.74 -12.11
C ASN A 31 -11.13 -16.10 -12.04
N VAL A 32 -10.32 -15.50 -12.91
CA VAL A 32 -8.88 -15.79 -12.93
C VAL A 32 -8.24 -15.41 -11.59
N ALA A 33 -8.68 -14.31 -11.00
CA ALA A 33 -8.14 -13.91 -9.70
C ALA A 33 -8.63 -14.84 -8.56
N GLY A 34 -9.86 -15.34 -8.67
CA GLY A 34 -10.40 -16.31 -7.71
C GLY A 34 -9.64 -17.63 -7.70
N TYR A 35 -9.23 -18.09 -8.88
CA TYR A 35 -8.50 -19.35 -9.02
C TYR A 35 -6.98 -19.24 -8.96
N SER A 36 -6.47 -18.07 -8.62
CA SER A 36 -5.03 -17.82 -8.62
C SER A 36 -4.60 -17.28 -7.28
N HIS A 37 -5.56 -17.22 -6.36
CA HIS A 37 -5.37 -16.61 -5.05
C HIS A 37 -4.97 -15.17 -5.12
N ASN A 38 -5.73 -14.42 -5.89
CA ASN A 38 -5.50 -13.00 -6.05
C ASN A 38 -4.10 -12.73 -6.55
N ARG A 39 -3.68 -13.53 -7.52
CA ARG A 39 -2.53 -13.23 -8.33
C ARG A 39 -2.92 -13.22 -9.80
N PRO A 40 -3.90 -12.37 -10.17
CA PRO A 40 -4.36 -12.30 -11.56
C PRO A 40 -3.34 -11.71 -12.50
N LEU A 41 -2.55 -10.76 -12.01
CA LEU A 41 -1.69 -9.99 -12.94
C LEU A 41 -0.59 -10.95 -13.36
N THR A 42 0.11 -11.54 -12.37
CA THR A 42 1.11 -12.55 -12.64
C THR A 42 0.58 -13.73 -13.42
N CYS A 43 -0.60 -14.23 -13.07
CA CYS A 43 -1.11 -15.46 -13.71
C CYS A 43 -1.47 -15.19 -15.18
N ILE A 44 -2.12 -14.06 -15.44
CA ILE A 44 -2.54 -13.72 -16.78
C ILE A 44 -1.37 -13.31 -17.65
N MET A 45 -0.35 -12.71 -17.05
CA MET A 45 0.80 -12.27 -17.81
C MET A 45 1.61 -13.46 -18.23
N TYR A 46 1.72 -14.43 -17.32
CA TYR A 46 2.37 -15.69 -17.63
C TYR A 46 1.65 -16.39 -18.78
N ALA A 47 0.32 -16.44 -18.73
CA ALA A 47 -0.46 -17.04 -19.80
C ALA A 47 -0.18 -16.30 -21.10
N ILE A 48 -0.17 -14.97 -21.06
CA ILE A 48 -0.05 -14.21 -22.27
C ILE A 48 1.33 -14.48 -22.89
N PHE A 49 2.37 -14.49 -22.08
CA PHE A 49 3.75 -14.65 -22.55
C PHE A 49 3.96 -16.05 -23.15
N GLN A 50 3.34 -17.06 -22.53
CA GLN A 50 3.33 -18.41 -23.10
C GLN A 50 2.63 -18.46 -24.45
N GLU A 51 1.38 -17.96 -24.52
CA GLU A 51 0.64 -18.00 -25.76
C GLU A 51 1.45 -17.36 -26.91
N ARG A 52 2.17 -16.27 -26.61
CA ARG A 52 2.88 -15.50 -27.65
C ARG A 52 4.33 -15.98 -27.82
N ASP A 53 4.75 -16.91 -26.96
CA ASP A 53 6.09 -17.47 -26.97
C ASP A 53 7.14 -16.37 -26.71
N LEU A 54 6.79 -15.38 -25.90
CA LEU A 54 7.67 -14.27 -25.57
C LEU A 54 8.83 -14.67 -24.63
N LEU A 55 8.61 -15.66 -23.78
CA LEU A 55 9.67 -16.09 -22.86
C LEU A 55 10.89 -16.56 -23.65
N LYS A 56 10.63 -17.37 -24.66
CA LYS A 56 11.72 -17.97 -25.44
C LYS A 56 12.28 -17.00 -26.46
N THR A 57 11.41 -16.21 -27.10
CA THR A 57 11.87 -15.21 -28.06
C THR A 57 12.93 -14.28 -27.43
N PHE A 58 12.69 -13.87 -26.19
CA PHE A 58 13.58 -12.93 -25.53
C PHE A 58 14.40 -13.59 -24.40
N ARG A 59 14.43 -14.92 -24.35
CA ARG A 59 15.19 -15.66 -23.33
C ARG A 59 14.96 -15.10 -21.89
N ILE A 60 13.69 -14.96 -21.55
CA ILE A 60 13.28 -14.65 -20.21
C ILE A 60 12.97 -16.03 -19.65
N SER A 61 13.73 -16.45 -18.67
CA SER A 61 13.46 -17.72 -18.08
C SER A 61 12.13 -17.58 -17.31
N SER A 62 11.49 -18.69 -17.01
CA SER A 62 10.26 -18.62 -16.26
C SER A 62 10.48 -18.00 -14.89
N ASP A 63 11.53 -18.45 -14.23
CA ASP A 63 11.82 -18.00 -12.90
C ASP A 63 11.96 -16.49 -12.82
N THR A 64 12.72 -15.90 -13.76
CA THR A 64 12.90 -14.47 -13.76
C THR A 64 11.53 -13.80 -13.98
N PHE A 65 10.75 -14.29 -14.92
CA PHE A 65 9.49 -13.65 -15.25
C PHE A 65 8.49 -13.69 -14.07
N ILE A 66 8.34 -14.85 -13.47
CA ILE A 66 7.47 -15.01 -12.32
C ILE A 66 7.99 -14.16 -11.14
N THR A 67 9.30 -14.15 -10.94
CA THR A 67 9.89 -13.36 -9.85
C THR A 67 9.61 -11.86 -10.01
N TYR A 68 9.72 -11.37 -11.23
CA TYR A 68 9.47 -9.98 -11.50
C TYR A 68 7.96 -9.69 -11.37
N MET A 69 7.13 -10.51 -12.01
CA MET A 69 5.69 -10.28 -12.03
C MET A 69 5.10 -10.27 -10.63
N MET A 70 5.45 -11.28 -9.87
CA MET A 70 5.03 -11.38 -8.46
C MET A 70 5.44 -10.12 -7.70
N THR A 71 6.66 -9.67 -7.89
CA THR A 71 7.11 -8.45 -7.26
C THR A 71 6.26 -7.28 -7.76
N LEU A 72 6.16 -7.12 -9.09
CA LEU A 72 5.34 -6.04 -9.65
C LEU A 72 3.95 -6.04 -9.00
N GLU A 73 3.30 -7.20 -8.99
CA GLU A 73 1.93 -7.32 -8.50
C GLU A 73 1.81 -6.91 -7.01
N ASP A 74 2.78 -7.25 -6.16
CA ASP A 74 2.78 -6.75 -4.75
C ASP A 74 2.95 -5.25 -4.57
N HIS A 75 3.41 -4.55 -5.60
CA HIS A 75 3.43 -3.07 -5.58
C HIS A 75 2.13 -2.43 -6.00
N TYR A 76 1.16 -3.24 -6.42
CA TYR A 76 -0.20 -2.74 -6.54
C TYR A 76 -0.81 -2.87 -5.12
N HIS A 77 -1.77 -2.02 -4.79
CA HIS A 77 -2.43 -2.08 -3.47
C HIS A 77 -3.75 -2.71 -3.52
N SER A 78 -3.87 -3.84 -2.86
CA SER A 78 -5.11 -4.62 -2.85
C SER A 78 -6.28 -3.88 -2.17
N ASP A 79 -5.98 -2.89 -1.33
CA ASP A 79 -7.00 -2.15 -0.55
C ASP A 79 -7.69 -1.05 -1.40
N VAL A 80 -6.96 -0.53 -2.40
CA VAL A 80 -7.48 0.44 -3.38
C VAL A 80 -8.52 -0.26 -4.24
N ALA A 81 -9.73 0.26 -4.35
CA ALA A 81 -10.86 -0.55 -4.84
C ALA A 81 -10.80 -0.90 -6.35
N TYR A 82 -10.34 0.05 -7.14
CA TYR A 82 -10.28 -0.16 -8.60
C TYR A 82 -8.83 -0.36 -9.06
N HIS A 83 -7.94 0.59 -8.73
CA HIS A 83 -6.54 0.58 -9.20
C HIS A 83 -5.70 -0.42 -8.48
N ASN A 84 -6.08 -1.69 -8.57
CA ASN A 84 -5.30 -2.75 -7.91
C ASN A 84 -4.81 -3.67 -9.03
N SER A 85 -4.30 -4.85 -8.69
CA SER A 85 -3.69 -5.74 -9.69
C SER A 85 -4.68 -6.39 -10.63
N LEU A 86 -5.94 -6.44 -10.22
CA LEU A 86 -6.97 -6.94 -11.14
C LEU A 86 -7.15 -6.04 -12.40
N HIS A 87 -7.17 -4.73 -12.20
CA HIS A 87 -7.27 -3.77 -13.30
C HIS A 87 -6.13 -3.91 -14.28
N ALA A 88 -4.93 -3.98 -13.72
CA ALA A 88 -3.72 -4.17 -14.50
C ALA A 88 -3.81 -5.49 -15.24
N ALA A 89 -4.18 -6.55 -14.53
CA ALA A 89 -4.42 -7.81 -15.20
C ALA A 89 -5.35 -7.59 -16.41
N ASP A 90 -6.49 -6.94 -16.18
CA ASP A 90 -7.46 -6.71 -17.24
C ASP A 90 -6.91 -5.90 -18.43
N VAL A 91 -6.15 -4.84 -18.15
CA VAL A 91 -5.62 -4.00 -19.25
C VAL A 91 -4.64 -4.82 -20.12
N ALA A 92 -3.78 -5.59 -19.48
CA ALA A 92 -2.86 -6.47 -20.18
C ALA A 92 -3.60 -7.50 -21.06
N GLN A 93 -4.57 -8.19 -20.47
CA GLN A 93 -5.34 -9.19 -21.22
C GLN A 93 -6.07 -8.57 -22.38
N SER A 94 -6.60 -7.39 -22.14
CA SER A 94 -7.24 -6.61 -23.17
C SER A 94 -6.29 -6.14 -24.27
N THR A 95 -5.12 -5.65 -23.90
CA THR A 95 -4.11 -5.24 -24.90
C THR A 95 -3.70 -6.47 -25.74
N HIS A 96 -3.49 -7.61 -25.09
CA HIS A 96 -3.21 -8.86 -25.76
C HIS A 96 -4.21 -9.20 -26.86
N VAL A 97 -5.48 -8.92 -26.65
CA VAL A 97 -6.47 -9.17 -27.67
C VAL A 97 -6.40 -8.15 -28.78
N LEU A 98 -6.29 -6.88 -28.44
CA LEU A 98 -6.25 -5.82 -29.46
C LEU A 98 -5.07 -5.99 -30.39
N LEU A 99 -3.99 -6.57 -29.87
CA LEU A 99 -2.81 -6.82 -30.68
C LEU A 99 -3.10 -7.87 -31.74
N SER A 100 -4.05 -8.75 -31.47
CA SER A 100 -4.27 -9.82 -32.41
C SER A 100 -5.45 -9.66 -33.35
N THR A 101 -6.01 -8.46 -33.45
CA THR A 101 -7.11 -8.22 -34.39
C THR A 101 -6.54 -8.25 -35.78
N PRO A 102 -7.30 -8.81 -36.73
CA PRO A 102 -6.79 -9.06 -38.08
C PRO A 102 -6.19 -7.85 -38.76
N ALA A 103 -6.71 -6.65 -38.50
CA ALA A 103 -6.10 -5.45 -39.10
C ALA A 103 -4.66 -5.21 -38.62
N LEU A 104 -4.37 -5.73 -37.43
CA LEU A 104 -3.06 -5.62 -36.85
C LEU A 104 -2.39 -6.97 -36.93
N ASP A 105 -2.68 -7.70 -38.02
CA ASP A 105 -2.16 -9.05 -38.26
C ASP A 105 -0.74 -9.01 -38.81
N ALA A 106 0.25 -9.21 -37.94
CA ALA A 106 1.64 -9.18 -38.38
C ALA A 106 2.22 -7.77 -38.45
N VAL A 107 1.48 -6.77 -37.99
CA VAL A 107 2.07 -5.43 -38.03
C VAL A 107 3.25 -5.31 -37.10
N PHE A 108 3.03 -5.55 -35.80
CA PHE A 108 4.06 -5.24 -34.77
C PHE A 108 5.18 -6.27 -34.59
N THR A 109 6.38 -5.77 -34.34
CA THR A 109 7.51 -6.65 -34.10
C THR A 109 7.27 -7.32 -32.76
N ASP A 110 7.97 -8.41 -32.47
CA ASP A 110 7.87 -9.00 -31.13
C ASP A 110 8.25 -7.98 -30.01
N LEU A 111 9.29 -7.20 -30.23
CA LEU A 111 9.68 -6.16 -29.28
C LEU A 111 8.55 -5.16 -29.00
N GLU A 112 7.82 -4.76 -30.04
CA GLU A 112 6.67 -3.89 -29.88
C GLU A 112 5.52 -4.56 -29.09
N ILE A 113 5.28 -5.84 -29.38
CA ILE A 113 4.34 -6.61 -28.62
C ILE A 113 4.83 -6.71 -27.15
N LEU A 114 6.10 -7.04 -26.97
CA LEU A 114 6.64 -7.07 -25.60
C LEU A 114 6.45 -5.72 -24.90
N ALA A 115 6.66 -4.63 -25.61
CA ALA A 115 6.55 -3.33 -24.97
C ALA A 115 5.12 -3.03 -24.61
N ALA A 116 4.18 -3.30 -25.53
CA ALA A 116 2.79 -2.90 -25.29
C ALA A 116 2.28 -3.62 -24.09
N ILE A 117 2.55 -4.91 -24.04
CA ILE A 117 1.91 -5.71 -23.00
C ILE A 117 2.56 -5.41 -21.64
N PHE A 118 3.88 -5.27 -21.64
CA PHE A 118 4.62 -4.81 -20.44
C PHE A 118 4.10 -3.46 -19.93
N ALA A 119 3.96 -2.52 -20.84
CA ALA A 119 3.37 -1.24 -20.50
C ALA A 119 2.01 -1.45 -19.84
N ALA A 120 1.15 -2.31 -20.42
CA ALA A 120 -0.19 -2.58 -19.81
C ALA A 120 -0.07 -3.09 -18.38
N ALA A 121 0.85 -4.03 -18.15
CA ALA A 121 1.01 -4.60 -16.82
C ALA A 121 1.48 -3.55 -15.75
N ILE A 122 2.41 -2.68 -16.09
CA ILE A 122 2.96 -1.72 -15.13
C ILE A 122 2.20 -0.40 -15.03
N HIS A 123 1.31 -0.08 -15.99
CA HIS A 123 0.76 1.29 -16.14
C HIS A 123 0.12 1.99 -14.94
N ASP A 124 -0.28 1.21 -13.94
CA ASP A 124 -0.87 1.75 -12.75
C ASP A 124 -0.20 1.29 -11.43
N VAL A 125 0.97 0.68 -11.50
CA VAL A 125 1.63 0.15 -10.28
C VAL A 125 1.82 1.18 -9.16
N ASP A 126 1.47 0.81 -7.92
CA ASP A 126 1.64 1.66 -6.77
C ASP A 126 0.73 2.93 -6.81
N HIS A 127 -0.45 2.73 -7.38
CA HIS A 127 -1.50 3.71 -7.41
C HIS A 127 -2.13 3.82 -6.06
N PRO A 128 -2.10 5.04 -5.50
CA PRO A 128 -2.57 5.25 -4.15
C PRO A 128 -4.11 5.33 -4.08
N GLY A 129 -4.79 5.23 -5.20
CA GLY A 129 -6.24 5.35 -5.27
C GLY A 129 -6.80 6.77 -5.31
N VAL A 130 -5.95 7.76 -5.60
CA VAL A 130 -6.41 9.14 -5.74
C VAL A 130 -5.91 9.77 -7.05
N SER A 131 -6.69 10.69 -7.62
CA SER A 131 -6.31 11.46 -8.82
C SER A 131 -4.97 12.23 -8.77
N ASN A 132 -4.43 12.57 -9.94
CA ASN A 132 -3.23 13.40 -10.03
C ASN A 132 -3.47 14.72 -9.27
N GLN A 133 -4.68 15.25 -9.40
CA GLN A 133 -5.01 16.58 -8.87
C GLN A 133 -5.09 16.59 -7.33
N PHE A 134 -5.58 15.49 -6.77
CA PHE A 134 -5.51 15.31 -5.35
C PHE A 134 -4.07 15.40 -4.84
N LEU A 135 -3.16 14.70 -5.53
CA LEU A 135 -1.77 14.69 -5.13
C LEU A 135 -1.20 16.10 -5.28
N ILE A 136 -1.61 16.79 -6.35
CA ILE A 136 -1.20 18.17 -6.56
C ILE A 136 -1.64 19.08 -5.41
N ASN A 137 -2.94 19.01 -5.07
CA ASN A 137 -3.57 19.89 -4.08
C ASN A 137 -3.02 19.61 -2.65
N THR A 138 -2.52 18.40 -2.42
CA THR A 138 -1.97 18.06 -1.12
C THR A 138 -0.47 18.29 -1.11
N ASN A 139 0.10 18.70 -2.23
CA ASN A 139 1.55 18.91 -2.35
C ASN A 139 2.29 17.66 -1.99
N SER A 140 1.78 16.55 -2.50
CA SER A 140 2.40 15.27 -2.38
C SER A 140 3.84 15.33 -2.90
N GLU A 141 4.70 14.53 -2.28
CA GLU A 141 6.10 14.38 -2.72
C GLU A 141 6.17 13.98 -4.18
N LEU A 142 5.24 13.15 -4.62
CA LEU A 142 5.20 12.76 -6.05
C LEU A 142 4.94 13.95 -6.96
N ALA A 143 3.97 14.78 -6.60
CA ALA A 143 3.65 15.95 -7.36
C ALA A 143 4.86 16.87 -7.49
N LEU A 144 5.63 17.01 -6.41
CA LEU A 144 6.77 17.91 -6.40
C LEU A 144 7.85 17.34 -7.27
N MET A 145 7.93 16.02 -7.24
CA MET A 145 8.97 15.28 -7.87
C MET A 145 8.81 15.37 -9.40
N TYR A 146 7.57 15.43 -9.85
CA TYR A 146 7.32 15.48 -11.30
C TYR A 146 6.68 16.80 -11.73
N ASN A 147 6.75 17.80 -10.84
CA ASN A 147 6.27 19.16 -11.16
C ASN A 147 4.80 19.20 -11.54
N ASP A 148 3.97 18.38 -10.89
CA ASP A 148 2.52 18.39 -11.17
C ASP A 148 2.13 17.96 -12.60
N GLU A 149 3.03 17.28 -13.30
CA GLU A 149 2.75 16.86 -14.69
C GLU A 149 2.79 15.36 -14.85
N SER A 150 1.69 14.79 -15.32
CA SER A 150 1.55 13.36 -15.42
C SER A 150 2.15 12.72 -14.20
N VAL A 151 1.67 13.15 -13.04
CA VAL A 151 2.30 12.79 -11.77
C VAL A 151 2.36 11.28 -11.52
N LEU A 152 1.23 10.63 -11.55
CA LEU A 152 1.16 9.23 -11.23
C LEU A 152 1.70 8.39 -12.37
N GLU A 153 1.41 8.81 -13.60
CA GLU A 153 1.88 8.09 -14.79
C GLU A 153 3.39 7.97 -14.80
N ASN A 154 4.08 9.07 -14.52
CA ASN A 154 5.51 9.07 -14.24
C ASN A 154 5.91 8.12 -13.13
N HIS A 155 5.16 8.10 -12.04
CA HIS A 155 5.42 7.18 -10.92
C HIS A 155 5.31 5.71 -11.31
N HIS A 156 4.23 5.36 -11.99
CA HIS A 156 4.10 3.99 -12.49
C HIS A 156 5.31 3.57 -13.29
N LEU A 157 5.72 4.39 -14.23
CA LEU A 157 6.91 4.10 -15.03
C LEU A 157 8.20 3.90 -14.25
N ALA A 158 8.51 4.86 -13.39
CA ALA A 158 9.58 4.76 -12.40
C ALA A 158 9.62 3.41 -11.63
N VAL A 159 8.51 3.07 -10.97
CA VAL A 159 8.42 1.88 -10.15
C VAL A 159 8.50 0.61 -11.00
N GLY A 160 7.79 0.61 -12.13
CA GLY A 160 7.84 -0.54 -13.03
C GLY A 160 9.25 -0.84 -13.54
N PHE A 161 10.02 0.19 -13.85
CA PHE A 161 11.41 -0.09 -14.25
C PHE A 161 12.30 -0.42 -13.05
N LYS A 162 12.07 0.27 -11.93
CA LYS A 162 12.91 0.13 -10.72
C LYS A 162 12.97 -1.32 -10.34
N LEU A 163 11.82 -1.97 -10.37
CA LEU A 163 11.63 -3.34 -9.88
C LEU A 163 12.38 -4.35 -10.72
N LEU A 164 12.84 -3.95 -11.91
CA LEU A 164 13.70 -4.81 -12.75
C LEU A 164 15.02 -5.17 -12.08
N GLN A 165 15.41 -4.36 -11.12
CA GLN A 165 16.70 -4.41 -10.42
C GLN A 165 16.73 -5.33 -9.21
N GLU A 166 15.58 -5.78 -8.77
CA GLU A 166 15.52 -6.67 -7.66
C GLU A 166 16.05 -8.02 -8.08
N GLU A 167 16.36 -8.86 -7.11
CA GLU A 167 17.00 -10.14 -7.32
C GLU A 167 16.24 -10.95 -8.35
N HIS A 168 16.97 -11.34 -9.40
CA HIS A 168 16.43 -12.12 -10.52
C HIS A 168 15.13 -11.58 -11.04
N CYS A 169 15.04 -10.26 -11.18
CA CYS A 169 13.84 -9.63 -11.71
C CYS A 169 13.99 -8.95 -13.08
N ASP A 170 15.19 -8.99 -13.65
CA ASP A 170 15.44 -8.29 -14.88
C ASP A 170 15.00 -9.06 -16.11
N ILE A 171 13.71 -9.01 -16.44
CA ILE A 171 13.18 -9.71 -17.60
C ILE A 171 13.72 -9.19 -18.95
N PHE A 172 14.43 -8.07 -18.94
CA PHE A 172 14.92 -7.53 -20.20
C PHE A 172 16.44 -7.77 -20.36
N MET A 173 17.06 -8.55 -19.48
CA MET A 173 18.51 -8.62 -19.42
C MET A 173 19.13 -9.25 -20.68
N ASN A 174 18.41 -10.14 -21.36
CA ASN A 174 18.94 -10.77 -22.58
C ASN A 174 18.51 -10.01 -23.84
N LEU A 175 17.99 -8.79 -23.68
CA LEU A 175 17.76 -7.94 -24.83
C LEU A 175 19.09 -7.24 -25.16
N THR A 176 19.28 -6.89 -26.42
CA THR A 176 20.40 -6.04 -26.80
C THR A 176 20.15 -4.63 -26.27
N LYS A 177 21.22 -3.86 -26.13
CA LYS A 177 21.16 -2.44 -25.77
C LYS A 177 20.14 -1.67 -26.60
N LYS A 178 20.16 -1.90 -27.90
CA LYS A 178 19.27 -1.26 -28.85
C LYS A 178 17.79 -1.60 -28.59
N GLN A 179 17.51 -2.87 -28.34
CA GLN A 179 16.18 -3.36 -27.98
C GLN A 179 15.70 -2.69 -26.69
N ARG A 180 16.52 -2.81 -25.66
CA ARG A 180 16.21 -2.19 -24.37
C ARG A 180 15.91 -0.69 -24.49
N GLN A 181 16.70 0.01 -25.30
CA GLN A 181 16.45 1.44 -25.48
C GLN A 181 15.18 1.71 -26.29
N THR A 182 14.88 0.83 -27.25
CA THR A 182 13.65 0.98 -28.07
C THR A 182 12.42 0.64 -27.27
N LEU A 183 12.43 -0.50 -26.57
CA LEU A 183 11.34 -0.88 -25.69
C LEU A 183 11.01 0.22 -24.66
N ARG A 184 12.06 0.70 -23.99
CA ARG A 184 11.95 1.69 -22.93
C ARG A 184 11.22 2.93 -23.43
N LYS A 185 11.68 3.43 -24.59
CA LYS A 185 11.13 4.63 -25.14
C LYS A 185 9.67 4.43 -25.47
N MET A 186 9.33 3.25 -25.97
CA MET A 186 7.95 2.89 -26.30
C MET A 186 7.05 2.76 -25.08
N VAL A 187 7.60 2.11 -24.06
CA VAL A 187 6.88 1.95 -22.78
C VAL A 187 6.58 3.29 -22.10
N ILE A 188 7.62 4.10 -21.94
CA ILE A 188 7.48 5.47 -21.40
C ILE A 188 6.33 6.18 -22.12
N ASP A 189 6.32 6.02 -23.44
CA ASP A 189 5.43 6.76 -24.31
C ASP A 189 3.99 6.24 -24.16
N MET A 190 3.82 4.93 -24.02
CA MET A 190 2.50 4.37 -23.77
C MET A 190 1.89 4.65 -22.38
N VAL A 191 2.70 4.63 -21.32
CA VAL A 191 2.15 4.86 -19.97
C VAL A 191 1.73 6.32 -19.80
N LEU A 192 2.55 7.24 -20.30
CA LEU A 192 2.22 8.67 -20.23
C LEU A 192 0.96 8.94 -21.00
N ALA A 193 0.76 8.16 -22.07
CA ALA A 193 -0.44 8.23 -22.88
C ALA A 193 -1.70 7.79 -22.12
N THR A 194 -1.58 7.11 -20.96
CA THR A 194 -2.78 6.83 -20.14
C THR A 194 -3.24 7.99 -19.24
N ASP A 195 -2.50 9.08 -19.20
CA ASP A 195 -2.93 10.28 -18.49
C ASP A 195 -4.12 10.90 -19.21
N MET A 196 -5.26 10.98 -18.51
CA MET A 196 -6.55 11.45 -19.05
C MET A 196 -6.57 12.85 -19.58
N SER A 197 -5.84 13.75 -18.97
CA SER A 197 -5.73 15.10 -19.49
C SER A 197 -5.08 15.15 -20.90
N LYS A 198 -4.66 14.00 -21.44
CA LYS A 198 -4.05 13.87 -22.79
C LYS A 198 -5.05 13.18 -23.75
N HIS A 199 -6.20 12.75 -23.22
CA HIS A 199 -7.16 12.04 -24.04
C HIS A 199 -7.43 12.73 -25.35
N MET A 200 -7.85 14.01 -25.28
CA MET A 200 -8.43 14.68 -26.46
C MET A 200 -7.36 14.83 -27.53
N SER A 201 -6.14 15.20 -27.12
CA SER A 201 -5.01 15.30 -28.05
C SER A 201 -4.62 13.91 -28.60
N LEU A 202 -4.69 12.87 -27.76
CA LEU A 202 -4.55 11.49 -28.26
C LEU A 202 -5.56 11.19 -29.35
N LEU A 203 -6.84 11.39 -29.06
CA LEU A 203 -7.90 11.08 -30.03
C LEU A 203 -7.80 11.92 -31.35
N ALA A 204 -7.33 13.17 -31.20
CA ALA A 204 -7.18 14.07 -32.35
C ALA A 204 -6.14 13.57 -33.34
N ASP A 205 -5.23 12.72 -32.88
CA ASP A 205 -4.21 12.19 -33.76
C ASP A 205 -4.59 10.84 -34.33
N LEU A 206 -5.29 10.06 -33.51
CA LEU A 206 -5.84 8.85 -34.00
C LEU A 206 -6.84 9.17 -35.14
N LYS A 207 -7.57 10.28 -35.01
CA LYS A 207 -8.56 10.68 -36.00
C LYS A 207 -7.87 10.87 -37.32
N THR A 208 -6.73 11.56 -37.27
CA THR A 208 -5.88 11.82 -38.42
C THR A 208 -5.33 10.54 -39.03
N MET A 209 -4.70 9.71 -38.22
CA MET A 209 -4.22 8.42 -38.66
C MET A 209 -5.23 7.67 -39.53
N VAL A 210 -6.48 7.60 -39.05
CA VAL A 210 -7.55 6.91 -39.78
C VAL A 210 -7.81 7.55 -41.15
N GLU A 211 -7.69 8.88 -41.24
CA GLU A 211 -8.07 9.58 -42.45
C GLU A 211 -7.13 9.27 -43.59
N THR A 212 -5.92 8.85 -43.26
CA THR A 212 -4.96 8.51 -44.30
C THR A 212 -4.34 7.12 -44.13
N LYS A 213 -5.13 6.22 -43.55
CA LYS A 213 -4.69 4.86 -43.32
C LYS A 213 -4.70 4.09 -44.62
N LYS A 214 -3.75 3.16 -44.71
CA LYS A 214 -3.61 2.22 -45.80
C LYS A 214 -3.54 0.83 -45.23
N VAL A 215 -4.08 -0.15 -45.96
CA VAL A 215 -3.96 -1.58 -45.63
C VAL A 215 -3.29 -2.32 -46.79
N THR A 216 -2.74 -3.51 -46.51
CA THR A 216 -2.15 -4.40 -47.52
C THR A 216 -3.27 -5.20 -48.18
N SER A 217 -2.93 -6.03 -49.16
CA SER A 217 -4.00 -6.78 -49.85
C SER A 217 -4.67 -7.76 -48.90
N SER A 218 -3.92 -8.13 -47.85
CA SER A 218 -4.38 -8.94 -46.74
C SER A 218 -5.20 -8.14 -45.74
N GLY A 219 -5.35 -6.84 -45.97
CA GLY A 219 -6.07 -5.94 -45.04
C GLY A 219 -5.35 -5.62 -43.74
N VAL A 220 -4.02 -5.73 -43.74
CA VAL A 220 -3.20 -5.46 -42.56
C VAL A 220 -2.74 -4.03 -42.60
N LEU A 221 -3.11 -3.29 -41.56
CA LEU A 221 -2.87 -1.88 -41.53
C LEU A 221 -1.38 -1.61 -41.85
N LEU A 222 -1.07 -0.53 -42.55
CA LEU A 222 0.31 -0.35 -43.04
C LEU A 222 1.00 0.78 -42.30
N LEU A 223 1.97 0.43 -41.46
CA LEU A 223 2.75 1.41 -40.70
C LEU A 223 4.26 1.34 -40.99
N ASP A 224 4.79 2.39 -41.60
CA ASP A 224 6.11 2.35 -42.24
C ASP A 224 7.20 3.12 -41.51
N ASN A 225 6.80 3.87 -40.49
CA ASN A 225 7.77 4.55 -39.63
C ASN A 225 7.36 4.51 -38.17
N TYR A 226 8.36 4.62 -37.29
CA TYR A 226 8.16 4.50 -35.85
C TYR A 226 6.96 5.34 -35.39
N THR A 227 6.90 6.58 -35.85
CA THR A 227 5.85 7.51 -35.44
C THR A 227 4.45 6.92 -35.53
N ASP A 228 4.13 6.25 -36.63
CA ASP A 228 2.79 5.68 -36.83
C ASP A 228 2.49 4.51 -35.89
N ARG A 229 3.46 3.59 -35.80
CA ARG A 229 3.31 2.41 -34.96
C ARG A 229 3.13 2.77 -33.49
N ILE A 230 3.97 3.67 -32.97
CA ILE A 230 3.88 4.11 -31.57
C ILE A 230 2.57 4.86 -31.27
N GLN A 231 2.03 5.53 -32.28
CA GLN A 231 0.77 6.23 -32.14
C GLN A 231 -0.40 5.26 -31.99
N VAL A 232 -0.40 4.23 -32.83
CA VAL A 232 -1.38 3.13 -32.74
C VAL A 232 -1.21 2.43 -31.40
N LEU A 233 0.04 2.08 -31.07
CA LEU A 233 0.37 1.36 -29.82
C LEU A 233 -0.12 2.08 -28.58
N ARG A 234 0.08 3.39 -28.54
CA ARG A 234 -0.29 4.17 -27.38
C ARG A 234 -1.82 4.36 -27.28
N ASN A 235 -2.51 4.47 -28.42
CA ASN A 235 -3.98 4.50 -28.41
C ASN A 235 -4.54 3.11 -28.05
N MET A 236 -3.84 2.07 -28.50
CA MET A 236 -4.26 0.72 -28.13
C MET A 236 -4.29 0.60 -26.61
N VAL A 237 -3.15 0.84 -25.97
CA VAL A 237 -3.07 0.82 -24.47
C VAL A 237 -4.16 1.71 -23.79
N HIS A 238 -4.41 2.92 -24.32
CA HIS A 238 -5.41 3.83 -23.76
C HIS A 238 -6.82 3.28 -23.94
N CYS A 239 -7.08 2.62 -25.09
CA CYS A 239 -8.32 1.89 -25.30
C CYS A 239 -8.48 0.77 -24.28
N ALA A 240 -7.43 -0.03 -24.14
CA ALA A 240 -7.43 -1.09 -23.18
C ALA A 240 -7.77 -0.51 -21.81
N ASP A 241 -7.02 0.52 -21.41
CA ASP A 241 -7.25 1.26 -20.18
C ASP A 241 -8.70 1.69 -20.05
N LEU A 242 -9.32 2.05 -21.17
CA LEU A 242 -10.73 2.50 -21.18
C LEU A 242 -11.68 1.46 -21.78
N SER A 243 -11.46 0.17 -21.46
CA SER A 243 -12.26 -0.87 -22.12
C SER A 243 -13.36 -1.45 -21.25
N ASN A 244 -13.39 -1.08 -19.98
CA ASN A 244 -14.41 -1.62 -19.11
C ASN A 244 -15.79 -1.55 -19.79
N PRO A 245 -16.20 -0.35 -20.26
CA PRO A 245 -17.57 -0.25 -20.76
C PRO A 245 -17.86 -1.11 -22.01
N THR A 246 -16.81 -1.68 -22.61
CA THR A 246 -16.96 -2.49 -23.81
C THR A 246 -17.04 -4.00 -23.52
N LYS A 247 -16.79 -4.38 -22.25
CA LYS A 247 -16.98 -5.77 -21.85
C LYS A 247 -18.50 -6.07 -21.58
N SER A 248 -18.85 -7.34 -21.29
CA SER A 248 -20.24 -7.74 -20.99
C SER A 248 -20.80 -7.01 -19.80
N LEU A 249 -22.06 -6.62 -19.90
CA LEU A 249 -22.69 -5.82 -18.85
C LEU A 249 -22.39 -6.31 -17.43
N GLU A 250 -22.37 -7.61 -17.24
CA GLU A 250 -22.04 -8.15 -15.93
C GLU A 250 -20.66 -7.63 -15.44
N LEU A 251 -19.67 -7.67 -16.33
CA LEU A 251 -18.33 -7.23 -15.99
C LEU A 251 -18.28 -5.72 -15.80
N TYR A 252 -18.87 -4.99 -16.74
CA TYR A 252 -18.83 -3.54 -16.71
C TYR A 252 -19.32 -2.95 -15.40
N ARG A 253 -20.38 -3.53 -14.85
CA ARG A 253 -21.00 -3.01 -13.65
C ARG A 253 -20.13 -3.22 -12.42
N GLN A 254 -19.40 -4.33 -12.42
CA GLN A 254 -18.41 -4.61 -11.38
C GLN A 254 -17.30 -3.58 -11.40
N TRP A 255 -16.83 -3.24 -12.60
CA TRP A 255 -15.86 -2.15 -12.76
C TRP A 255 -16.37 -0.82 -12.30
N THR A 256 -17.58 -0.47 -12.71
CA THR A 256 -18.13 0.82 -12.30
C THR A 256 -18.30 0.86 -10.79
N ASP A 257 -18.83 -0.23 -10.22
CA ASP A 257 -18.94 -0.32 -8.77
C ASP A 257 -17.59 -0.01 -8.12
N ARG A 258 -16.51 -0.60 -8.64
CA ARG A 258 -15.19 -0.48 -8.03
C ARG A 258 -14.66 0.93 -8.14
N ILE A 259 -14.72 1.52 -9.34
CA ILE A 259 -14.22 2.89 -9.50
C ILE A 259 -15.01 3.90 -8.67
N MET A 260 -16.31 3.71 -8.51
CA MET A 260 -17.15 4.62 -7.73
C MET A 260 -16.78 4.54 -6.26
N GLU A 261 -16.57 3.32 -5.76
CA GLU A 261 -16.02 3.16 -4.41
C GLU A 261 -14.72 3.93 -4.25
N GLU A 262 -13.87 3.90 -5.27
CA GLU A 262 -12.58 4.56 -5.18
C GLU A 262 -12.78 6.06 -5.22
N PHE A 263 -13.67 6.50 -6.10
CA PHE A 263 -13.93 7.95 -6.15
C PHE A 263 -14.49 8.42 -4.79
N PHE A 264 -15.47 7.71 -4.24
CA PHE A 264 -16.04 8.12 -2.95
C PHE A 264 -15.00 8.11 -1.85
N GLN A 265 -14.17 7.08 -1.84
CA GLN A 265 -13.07 6.97 -0.90
C GLN A 265 -12.08 8.15 -1.00
N GLN A 266 -11.88 8.65 -2.22
CA GLN A 266 -11.21 9.93 -2.44
C GLN A 266 -11.96 11.12 -1.79
N GLY A 267 -13.27 11.16 -1.94
CA GLY A 267 -14.08 12.22 -1.34
C GLY A 267 -13.98 12.25 0.18
N ASP A 268 -13.89 11.08 0.80
CA ASP A 268 -13.64 10.99 2.24
C ASP A 268 -12.27 11.53 2.65
N LYS A 269 -11.25 11.34 1.80
CA LYS A 269 -9.93 11.89 2.15
C LYS A 269 -9.97 13.40 2.03
N GLU A 270 -10.63 13.91 1.00
CA GLU A 270 -10.82 15.36 0.82
C GLU A 270 -11.51 16.01 2.01
N ARG A 271 -12.53 15.35 2.55
CA ARG A 271 -13.25 15.80 3.73
C ARG A 271 -12.32 15.70 4.96
N GLU A 272 -11.83 14.49 5.22
CA GLU A 272 -10.93 14.21 6.34
C GLU A 272 -9.80 15.22 6.49
N ARG A 273 -9.18 15.56 5.37
CA ARG A 273 -8.04 16.43 5.35
C ARG A 273 -8.42 17.91 5.16
N GLY A 274 -9.72 18.20 5.22
CA GLY A 274 -10.28 19.57 5.06
C GLY A 274 -9.86 20.32 3.80
N MET A 275 -10.00 19.69 2.64
CA MET A 275 -9.37 20.21 1.42
C MET A 275 -10.20 21.17 0.58
N GLU A 276 -9.52 22.05 -0.17
CA GLU A 276 -10.14 22.95 -1.14
C GLU A 276 -11.65 22.88 -1.05
N ILE A 277 -12.23 23.85 -0.36
CA ILE A 277 -13.67 23.99 -0.31
C ILE A 277 -14.31 23.75 -1.68
N SER A 278 -14.42 22.50 -2.10
CA SER A 278 -15.32 22.19 -3.20
C SER A 278 -15.70 20.74 -3.17
N PRO A 279 -16.61 20.44 -2.25
CA PRO A 279 -16.96 19.08 -1.88
C PRO A 279 -17.54 18.39 -3.09
N MET A 280 -17.06 17.18 -3.38
CA MET A 280 -17.64 16.35 -4.43
C MET A 280 -18.86 15.67 -3.85
N CYS A 281 -19.79 15.25 -4.72
CA CYS A 281 -20.98 14.54 -4.26
C CYS A 281 -20.62 13.19 -3.64
N ASP A 282 -21.36 12.82 -2.60
CA ASP A 282 -21.18 11.54 -1.92
C ASP A 282 -22.17 10.55 -2.55
N LYS A 283 -22.20 9.32 -2.05
CA LYS A 283 -22.96 8.23 -2.66
C LYS A 283 -24.48 8.42 -2.57
N HIS A 284 -24.92 9.37 -1.75
CA HIS A 284 -26.36 9.66 -1.60
C HIS A 284 -26.79 10.75 -2.55
N THR A 285 -25.85 11.65 -2.83
CA THR A 285 -26.13 12.88 -3.59
C THR A 285 -25.67 12.79 -5.06
N ALA A 286 -24.78 11.85 -5.35
CA ALA A 286 -24.30 11.68 -6.71
C ALA A 286 -25.36 11.01 -7.60
N SER A 287 -25.16 11.09 -8.91
CA SER A 287 -25.92 10.27 -9.84
C SER A 287 -24.92 9.51 -10.71
N VAL A 288 -24.63 8.29 -10.29
CA VAL A 288 -23.61 7.46 -10.93
C VAL A 288 -23.93 7.05 -12.38
N GLU A 289 -25.20 6.72 -12.61
CA GLU A 289 -25.70 6.32 -13.92
C GLU A 289 -25.53 7.47 -14.91
N LYS A 290 -26.00 8.65 -14.52
CA LYS A 290 -25.94 9.81 -15.41
C LYS A 290 -24.49 10.10 -15.72
N SER A 291 -23.62 9.96 -14.73
CA SER A 291 -22.22 10.25 -14.94
C SER A 291 -21.53 9.24 -15.85
N GLN A 292 -22.01 8.00 -15.85
CA GLN A 292 -21.53 6.99 -16.80
C GLN A 292 -21.82 7.39 -18.24
N VAL A 293 -23.09 7.69 -18.52
CA VAL A 293 -23.53 8.07 -19.86
C VAL A 293 -22.81 9.34 -20.28
N GLY A 294 -22.58 10.23 -19.32
CA GLY A 294 -21.74 11.41 -19.58
C GLY A 294 -20.32 10.99 -19.96
N PHE A 295 -19.79 10.03 -19.22
CA PHE A 295 -18.44 9.47 -19.44
C PHE A 295 -18.27 8.76 -20.79
N ILE A 296 -19.31 8.02 -21.21
CA ILE A 296 -19.28 7.27 -22.44
C ILE A 296 -19.49 8.17 -23.66
N ASP A 297 -20.33 9.20 -23.54
CA ASP A 297 -20.56 10.14 -24.63
C ASP A 297 -19.37 11.10 -24.82
N TYR A 298 -18.73 11.46 -23.72
CA TYR A 298 -17.66 12.46 -23.76
C TYR A 298 -16.27 11.82 -24.00
N ILE A 299 -16.05 10.61 -23.50
CA ILE A 299 -14.72 10.00 -23.48
C ILE A 299 -14.66 8.64 -24.20
N VAL A 300 -15.38 7.66 -23.68
CA VAL A 300 -15.24 6.28 -24.11
C VAL A 300 -15.70 6.10 -25.59
N HIS A 301 -16.92 6.47 -25.91
CA HIS A 301 -17.44 6.16 -27.25
C HIS A 301 -16.67 6.83 -28.36
N PRO A 302 -16.38 8.14 -28.23
CA PRO A 302 -15.61 8.80 -29.28
C PRO A 302 -14.23 8.17 -29.55
N LEU A 303 -13.62 7.58 -28.52
CA LEU A 303 -12.35 6.89 -28.66
C LEU A 303 -12.55 5.54 -29.36
N TRP A 304 -13.46 4.72 -28.82
CA TRP A 304 -13.75 3.41 -29.42
C TRP A 304 -14.29 3.46 -30.82
N GLU A 305 -15.05 4.51 -31.15
CA GLU A 305 -15.60 4.68 -32.48
C GLU A 305 -14.48 4.95 -33.47
N THR A 306 -13.52 5.76 -33.04
CA THR A 306 -12.35 6.05 -33.88
C THR A 306 -11.42 4.84 -34.00
N TRP A 307 -11.29 4.07 -32.92
CA TRP A 307 -10.50 2.85 -32.98
C TRP A 307 -11.08 1.86 -33.96
N ALA A 308 -12.41 1.73 -33.95
CA ALA A 308 -13.11 0.77 -34.78
C ALA A 308 -12.94 1.12 -36.26
N ASP A 309 -12.93 2.41 -36.53
CA ASP A 309 -12.58 2.94 -37.84
C ASP A 309 -11.21 2.46 -38.29
N LEU A 310 -10.23 2.52 -37.40
CA LEU A 310 -8.86 2.14 -37.75
C LEU A 310 -8.78 0.68 -38.11
N VAL A 311 -9.55 -0.15 -37.39
CA VAL A 311 -9.49 -1.59 -37.55
C VAL A 311 -10.71 -2.21 -38.25
N GLN A 312 -11.53 -1.40 -38.89
CA GLN A 312 -12.74 -1.81 -39.64
C GLN A 312 -12.57 -3.15 -40.32
N PRO A 313 -13.46 -4.12 -40.05
CA PRO A 313 -14.57 -4.16 -39.08
C PRO A 313 -14.22 -4.94 -37.81
N ASP A 314 -12.93 -5.05 -37.49
CA ASP A 314 -12.51 -5.91 -36.37
C ASP A 314 -13.22 -5.62 -35.05
N ALA A 315 -13.55 -4.36 -34.76
CA ALA A 315 -14.00 -4.01 -33.41
C ALA A 315 -15.51 -3.85 -33.27
N GLN A 316 -16.26 -4.37 -34.24
CA GLN A 316 -17.69 -4.09 -34.32
C GLN A 316 -18.51 -4.66 -33.15
N ASP A 317 -18.24 -5.90 -32.76
CA ASP A 317 -18.89 -6.53 -31.63
C ASP A 317 -18.56 -5.79 -30.33
N ILE A 318 -17.38 -5.16 -30.30
CA ILE A 318 -16.96 -4.32 -29.20
C ILE A 318 -17.83 -3.08 -29.17
N LEU A 319 -17.93 -2.43 -30.31
CA LEU A 319 -18.67 -1.20 -30.43
C LEU A 319 -20.18 -1.39 -30.13
N ASP A 320 -20.75 -2.51 -30.57
CA ASP A 320 -22.17 -2.79 -30.32
C ASP A 320 -22.43 -3.08 -28.84
N THR A 321 -21.51 -3.82 -28.20
CA THR A 321 -21.60 -4.04 -26.78
C THR A 321 -21.50 -2.73 -26.00
N LEU A 322 -20.75 -1.76 -26.53
CA LEU A 322 -20.59 -0.49 -25.86
C LEU A 322 -21.91 0.24 -25.85
N GLU A 323 -22.53 0.32 -27.02
CA GLU A 323 -23.83 0.91 -27.21
C GLU A 323 -24.94 0.19 -26.42
N ASP A 324 -24.93 -1.15 -26.35
CA ASP A 324 -25.88 -1.82 -25.44
C ASP A 324 -25.73 -1.38 -23.98
N ASN A 325 -24.49 -1.27 -23.53
CA ASN A 325 -24.22 -0.94 -22.14
C ASN A 325 -24.57 0.51 -21.83
N ARG A 326 -24.28 1.39 -22.77
CA ARG A 326 -24.66 2.78 -22.63
C ARG A 326 -26.17 2.88 -22.47
N ASN A 327 -26.90 2.05 -23.24
CA ASN A 327 -28.35 1.99 -23.16
C ASN A 327 -28.87 1.43 -21.84
N TRP A 328 -28.14 0.49 -21.23
CA TRP A 328 -28.54 -0.04 -19.93
C TRP A 328 -28.34 0.94 -18.82
N TYR A 329 -27.17 1.57 -18.75
CA TYR A 329 -26.98 2.65 -17.78
C TYR A 329 -27.96 3.77 -18.01
N GLN A 330 -28.20 4.07 -19.27
CA GLN A 330 -29.13 5.09 -19.66
C GLN A 330 -30.51 4.87 -19.03
N SER A 331 -30.97 3.63 -19.05
CA SER A 331 -32.30 3.30 -18.59
C SER A 331 -32.43 3.53 -17.09
N MET A 332 -31.30 3.39 -16.38
CA MET A 332 -31.30 3.47 -14.93
C MET A 332 -31.15 4.89 -14.36
N ILE A 333 -31.11 5.88 -15.23
CA ILE A 333 -31.01 7.27 -14.78
C ILE A 333 -32.34 7.76 -14.19
N PRO A 334 -32.32 8.34 -12.97
CA PRO A 334 -33.50 9.07 -12.43
C PRO A 334 -33.79 10.38 -13.18
N CYS A 348 -23.21 20.18 -3.94
CA CYS A 348 -22.02 19.39 -4.20
C CYS A 348 -21.59 19.38 -5.69
N GLN A 349 -20.33 19.03 -5.94
CA GLN A 349 -19.81 18.95 -7.31
C GLN A 349 -19.85 17.50 -7.78
N GLY A 350 -20.57 17.26 -8.87
CA GLY A 350 -20.77 15.90 -9.37
C GLY A 350 -19.51 15.28 -10.00
N LEU A 351 -19.53 13.96 -10.12
CA LEU A 351 -18.43 13.19 -10.70
C LEU A 351 -17.90 13.76 -12.01
N MET A 352 -18.79 14.02 -12.95
CA MET A 352 -18.37 14.45 -14.26
C MET A 352 -17.95 15.93 -14.24
N GLU A 353 -18.67 16.72 -13.45
CA GLU A 353 -18.32 18.13 -13.23
C GLU A 353 -16.89 18.24 -12.69
N LYS A 354 -16.56 17.35 -11.74
CA LYS A 354 -15.25 17.27 -11.08
C LYS A 354 -14.21 16.74 -12.05
N PHE A 355 -14.60 15.73 -12.84
CA PHE A 355 -13.74 15.25 -13.90
C PHE A 355 -13.36 16.31 -14.93
N GLN A 356 -14.36 17.00 -15.49
CA GLN A 356 -14.14 17.99 -16.57
C GLN A 356 -13.37 19.22 -16.13
N PHE A 357 -13.72 19.71 -14.95
CA PHE A 357 -13.08 20.89 -14.35
C PHE A 357 -11.58 20.69 -14.08
N GLU A 358 -11.22 19.47 -13.70
CA GLU A 358 -9.83 19.13 -13.38
C GLU A 358 -9.00 18.74 -14.61
N LEU A 359 -9.56 18.88 -15.81
CA LEU A 359 -8.79 18.73 -17.04
C LEU A 359 -8.05 20.01 -17.43
N THR A 360 -8.63 21.16 -17.02
CA THR A 360 -8.13 22.48 -17.41
C THR A 360 -6.60 22.55 -17.54
N SER B 3 -17.33 17.22 12.44
CA SER B 3 -16.15 16.31 12.54
C SER B 3 -15.56 15.94 11.19
N ARG B 4 -14.23 15.85 11.16
CA ARG B 4 -13.49 15.19 10.08
C ARG B 4 -13.64 13.67 10.21
N PHE B 5 -14.23 13.24 11.33
CA PHE B 5 -14.39 11.82 11.68
C PHE B 5 -15.68 11.19 11.18
N GLY B 6 -16.73 12.02 11.08
CA GLY B 6 -18.06 11.59 10.68
C GLY B 6 -18.48 10.24 11.25
N VAL B 7 -18.25 10.03 12.55
CA VAL B 7 -18.68 8.80 13.26
C VAL B 7 -20.17 8.85 13.61
N ASN B 8 -20.89 7.76 13.33
CA ASN B 8 -22.31 7.64 13.66
C ASN B 8 -22.59 8.11 15.09
N THR B 9 -23.65 8.90 15.29
CA THR B 9 -23.95 9.52 16.61
C THR B 9 -24.33 8.49 17.70
N GLU B 10 -24.73 7.29 17.26
CA GLU B 10 -24.89 6.14 18.15
C GLU B 10 -23.51 5.60 18.57
N ASN B 11 -22.59 5.59 17.60
CA ASN B 11 -21.20 5.25 17.87
C ASN B 11 -20.54 6.30 18.75
N GLU B 12 -20.96 7.56 18.59
CA GLU B 12 -20.40 8.64 19.40
C GLU B 12 -20.42 8.35 20.89
N ASP B 13 -21.53 7.80 21.37
CA ASP B 13 -21.64 7.45 22.77
C ASP B 13 -20.70 6.28 23.08
N HIS B 14 -20.78 5.21 22.27
CA HIS B 14 -19.91 4.03 22.42
C HIS B 14 -18.44 4.35 22.28
N LEU B 15 -18.12 5.38 21.49
CA LEU B 15 -16.72 5.81 21.33
C LEU B 15 -16.17 6.48 22.59
N ALA B 16 -16.91 7.42 23.15
CA ALA B 16 -16.49 8.12 24.36
C ALA B 16 -16.33 7.20 25.57
N LYS B 17 -17.25 6.23 25.70
CA LYS B 17 -17.13 5.21 26.74
C LYS B 17 -15.82 4.39 26.62
N GLU B 18 -15.39 4.07 25.39
CA GLU B 18 -14.09 3.39 25.22
C GLU B 18 -12.95 4.30 25.64
N LEU B 19 -12.96 5.54 25.13
CA LEU B 19 -11.94 6.54 25.43
C LEU B 19 -11.84 6.97 26.89
N GLU B 20 -12.83 6.59 27.70
CA GLU B 20 -12.70 6.74 29.14
C GLU B 20 -11.49 5.98 29.68
N ASP B 21 -11.06 4.94 28.97
CA ASP B 21 -9.93 4.12 29.39
C ASP B 21 -8.61 4.55 28.76
N LEU B 22 -8.56 5.81 28.28
CA LEU B 22 -7.43 6.26 27.48
C LEU B 22 -6.11 6.11 28.22
N ASN B 23 -6.14 6.32 29.53
CA ASN B 23 -4.94 6.31 30.32
C ASN B 23 -4.58 4.96 30.95
N LYS B 24 -5.31 3.92 30.55
CA LYS B 24 -5.25 2.58 31.10
C LYS B 24 -4.65 1.58 30.11
N TRP B 25 -3.93 0.61 30.67
CA TRP B 25 -3.42 -0.48 29.89
C TRP B 25 -4.54 -1.26 29.27
N GLY B 26 -5.70 -1.25 29.95
CA GLY B 26 -6.87 -2.04 29.59
C GLY B 26 -7.68 -1.47 28.44
N LEU B 27 -7.26 -0.31 27.91
CA LEU B 27 -7.96 0.28 26.74
C LEU B 27 -8.10 -0.74 25.61
N ASN B 28 -9.25 -0.79 24.96
CA ASN B 28 -9.47 -1.69 23.84
C ASN B 28 -9.49 -0.96 22.50
N ILE B 29 -8.33 -0.94 21.83
CA ILE B 29 -8.11 -0.17 20.60
C ILE B 29 -8.87 -0.73 19.39
N PHE B 30 -9.20 -2.01 19.48
CA PHE B 30 -10.01 -2.66 18.48
C PHE B 30 -11.34 -1.96 18.38
N ASN B 31 -11.95 -1.71 19.54
CA ASN B 31 -13.26 -1.06 19.60
C ASN B 31 -13.19 0.39 19.21
N VAL B 32 -12.12 1.07 19.65
CA VAL B 32 -11.83 2.42 19.19
C VAL B 32 -11.88 2.44 17.67
N ALA B 33 -11.20 1.47 17.04
CA ALA B 33 -11.14 1.42 15.59
C ALA B 33 -12.54 1.11 15.00
N GLY B 34 -13.26 0.17 15.62
CA GLY B 34 -14.65 -0.14 15.24
C GLY B 34 -15.59 1.05 15.29
N TYR B 35 -15.43 1.93 16.28
CA TYR B 35 -16.35 3.06 16.43
C TYR B 35 -15.90 4.36 15.75
N SER B 36 -14.71 4.40 15.18
CA SER B 36 -14.22 5.61 14.55
C SER B 36 -14.12 5.44 13.05
N HIS B 37 -14.85 4.49 12.49
CA HIS B 37 -14.75 4.16 11.06
C HIS B 37 -13.34 3.78 10.70
N ASN B 38 -12.76 2.84 11.45
CA ASN B 38 -11.36 2.41 11.25
C ASN B 38 -10.42 3.60 11.06
N ARG B 39 -10.52 4.60 11.95
CA ARG B 39 -9.51 5.67 12.02
C ARG B 39 -8.91 5.74 13.42
N PRO B 40 -8.34 4.62 13.90
CA PRO B 40 -7.83 4.54 15.27
C PRO B 40 -6.58 5.39 15.55
N LEU B 41 -5.64 5.43 14.60
CA LEU B 41 -4.40 6.17 14.86
C LEU B 41 -4.77 7.64 14.99
N THR B 42 -5.54 8.16 14.03
CA THR B 42 -6.02 9.56 14.12
C THR B 42 -6.84 9.84 15.39
N CYS B 43 -7.79 8.96 15.67
CA CYS B 43 -8.70 9.13 16.78
C CYS B 43 -7.99 9.01 18.10
N ILE B 44 -7.15 7.98 18.28
CA ILE B 44 -6.40 7.91 19.53
C ILE B 44 -5.39 9.05 19.72
N MET B 45 -4.78 9.53 18.62
CA MET B 45 -3.74 10.60 18.78
C MET B 45 -4.37 11.92 19.20
N TYR B 46 -5.57 12.18 18.69
CA TYR B 46 -6.27 13.37 19.03
C TYR B 46 -6.67 13.33 20.52
N ALA B 47 -7.13 12.15 20.97
CA ALA B 47 -7.43 11.97 22.39
C ALA B 47 -6.18 12.13 23.28
N ILE B 48 -5.07 11.52 22.88
CA ILE B 48 -3.81 11.65 23.63
C ILE B 48 -3.32 13.10 23.70
N PHE B 49 -3.37 13.82 22.58
CA PHE B 49 -2.88 15.19 22.54
C PHE B 49 -3.71 16.17 23.40
N GLN B 50 -5.04 16.05 23.30
CA GLN B 50 -5.93 16.83 24.19
C GLN B 50 -5.73 16.44 25.64
N GLU B 51 -5.69 15.14 25.95
CA GLU B 51 -5.50 14.68 27.34
C GLU B 51 -4.25 15.23 27.95
N ARG B 52 -3.23 15.44 27.14
CA ARG B 52 -1.98 15.97 27.64
C ARG B 52 -1.83 17.47 27.34
N ASP B 53 -2.83 18.07 26.69
CA ASP B 53 -2.77 19.51 26.45
C ASP B 53 -1.58 19.88 25.54
N LEU B 54 -1.10 18.92 24.74
CA LEU B 54 -0.01 19.11 23.76
C LEU B 54 -0.32 20.08 22.61
N LEU B 55 -1.59 20.21 22.27
CA LEU B 55 -1.95 21.14 21.22
C LEU B 55 -1.85 22.55 21.78
N LYS B 56 -2.26 22.73 23.04
CA LYS B 56 -2.16 24.05 23.70
C LYS B 56 -0.68 24.42 23.91
N THR B 57 0.13 23.45 24.30
CA THR B 57 1.54 23.68 24.61
C THR B 57 2.37 24.09 23.43
N PHE B 58 2.06 23.54 22.27
CA PHE B 58 2.84 23.89 21.09
C PHE B 58 2.00 24.60 20.02
N ARG B 59 0.96 25.33 20.41
CA ARG B 59 0.16 26.09 19.43
C ARG B 59 -0.04 25.26 18.12
N ILE B 60 -0.71 24.12 18.26
CA ILE B 60 -0.99 23.23 17.12
C ILE B 60 -2.46 23.42 16.90
N SER B 61 -2.85 23.89 15.72
CA SER B 61 -4.25 24.00 15.45
C SER B 61 -4.74 22.58 15.26
N SER B 62 -5.99 22.36 15.60
CA SER B 62 -6.62 21.07 15.49
C SER B 62 -6.76 20.60 14.06
N ASP B 63 -7.09 21.51 13.18
CA ASP B 63 -7.25 21.12 11.79
C ASP B 63 -5.90 20.69 11.17
N THR B 64 -4.82 21.40 11.51
CA THR B 64 -3.48 21.02 11.05
C THR B 64 -3.13 19.59 11.53
N PHE B 65 -3.37 19.34 12.81
CA PHE B 65 -3.12 18.06 13.45
C PHE B 65 -3.98 16.94 12.88
N ILE B 66 -5.24 17.21 12.61
CA ILE B 66 -6.11 16.18 12.04
C ILE B 66 -5.74 15.84 10.62
N THR B 67 -5.43 16.88 9.86
CA THR B 67 -4.94 16.74 8.50
C THR B 67 -3.63 15.94 8.49
N TYR B 68 -2.69 16.26 9.37
CA TYR B 68 -1.49 15.44 9.42
C TYR B 68 -1.79 13.98 9.79
N MET B 69 -2.62 13.78 10.79
CA MET B 69 -2.84 12.45 11.34
C MET B 69 -3.61 11.62 10.33
N MET B 70 -4.58 12.25 9.68
CA MET B 70 -5.34 11.53 8.66
C MET B 70 -4.41 11.13 7.53
N THR B 71 -3.44 11.98 7.24
CA THR B 71 -2.50 11.76 6.13
C THR B 71 -1.59 10.62 6.51
N LEU B 72 -1.04 10.70 7.71
CA LEU B 72 -0.14 9.66 8.22
C LEU B 72 -0.82 8.31 8.24
N GLU B 73 -2.03 8.30 8.76
CA GLU B 73 -2.83 7.09 8.84
C GLU B 73 -3.02 6.46 7.47
N ASP B 74 -3.34 7.26 6.45
CA ASP B 74 -3.48 6.76 5.07
C ASP B 74 -2.22 6.10 4.51
N HIS B 75 -1.06 6.39 5.08
CA HIS B 75 0.17 5.79 4.53
C HIS B 75 0.51 4.54 5.28
N TYR B 76 -0.39 4.06 6.16
CA TYR B 76 -0.30 2.69 6.69
C TYR B 76 -1.15 1.85 5.74
N HIS B 77 -0.73 0.62 5.47
CA HIS B 77 -1.44 -0.21 4.48
C HIS B 77 -2.41 -1.08 5.22
N SER B 78 -3.68 -0.90 4.92
CA SER B 78 -4.73 -1.64 5.58
C SER B 78 -4.81 -3.12 5.13
N ASP B 79 -4.27 -3.47 3.98
CA ASP B 79 -4.16 -4.88 3.55
C ASP B 79 -3.16 -5.75 4.36
N VAL B 80 -2.14 -5.13 4.96
CA VAL B 80 -1.16 -5.82 5.83
C VAL B 80 -1.85 -6.16 7.17
N ALA B 81 -1.74 -7.40 7.62
CA ALA B 81 -2.61 -7.83 8.72
C ALA B 81 -2.18 -7.26 10.09
N TYR B 82 -0.87 -7.16 10.32
CA TYR B 82 -0.42 -6.65 11.63
C TYR B 82 0.02 -5.21 11.54
N HIS B 83 0.92 -4.92 10.63
CA HIS B 83 1.54 -3.60 10.58
C HIS B 83 0.73 -2.55 9.88
N ASN B 84 -0.49 -2.33 10.36
CA ASN B 84 -1.37 -1.35 9.79
C ASN B 84 -1.54 -0.27 10.86
N SER B 85 -2.53 0.62 10.73
CA SER B 85 -2.68 1.79 11.63
C SER B 85 -3.26 1.46 13.01
N LEU B 86 -3.92 0.31 13.15
CA LEU B 86 -4.34 -0.18 14.46
C LEU B 86 -3.11 -0.47 15.33
N HIS B 87 -2.09 -1.10 14.74
CA HIS B 87 -0.82 -1.28 15.44
C HIS B 87 -0.18 0.02 15.83
N ALA B 88 -0.19 1.02 14.95
CA ALA B 88 0.40 2.32 15.33
C ALA B 88 -0.41 3.02 16.43
N ALA B 89 -1.73 2.98 16.32
CA ALA B 89 -2.60 3.51 17.36
C ALA B 89 -2.27 2.87 18.73
N ASP B 90 -2.09 1.56 18.72
CA ASP B 90 -1.84 0.81 19.91
C ASP B 90 -0.52 1.19 20.57
N VAL B 91 0.53 1.33 19.77
CA VAL B 91 1.85 1.63 20.29
C VAL B 91 1.84 3.03 20.86
N ALA B 92 1.22 3.97 20.12
CA ALA B 92 1.06 5.33 20.61
C ALA B 92 0.33 5.41 21.97
N GLN B 93 -0.82 4.74 22.08
CA GLN B 93 -1.63 4.81 23.29
C GLN B 93 -0.86 4.12 24.41
N SER B 94 -0.10 3.07 24.06
CA SER B 94 0.75 2.33 25.04
C SER B 94 1.89 3.16 25.52
N THR B 95 2.47 3.95 24.61
CA THR B 95 3.57 4.82 25.03
C THR B 95 3.04 5.93 25.95
N HIS B 96 1.85 6.43 25.65
CA HIS B 96 1.20 7.39 26.46
C HIS B 96 0.96 6.87 27.88
N VAL B 97 0.55 5.61 28.03
CA VAL B 97 0.43 5.01 29.37
C VAL B 97 1.78 4.89 30.08
N LEU B 98 2.74 4.26 29.44
CA LEU B 98 4.08 4.17 30.01
C LEU B 98 4.70 5.52 30.45
N LEU B 99 4.44 6.61 29.72
CA LEU B 99 4.97 7.91 30.12
C LEU B 99 4.40 8.38 31.45
N SER B 100 3.23 7.87 31.86
CA SER B 100 2.63 8.37 33.11
C SER B 100 2.90 7.49 34.31
N THR B 101 3.77 6.50 34.14
CA THR B 101 4.09 5.57 35.18
C THR B 101 4.74 6.36 36.33
N PRO B 102 4.35 6.06 37.59
CA PRO B 102 4.78 6.92 38.72
C PRO B 102 6.26 7.17 38.82
N ALA B 103 7.08 6.16 38.52
CA ALA B 103 8.54 6.35 38.55
C ALA B 103 9.05 7.41 37.57
N LEU B 104 8.32 7.64 36.50
CA LEU B 104 8.78 8.53 35.43
C LEU B 104 8.05 9.88 35.33
N ASP B 105 6.86 9.97 35.91
CA ASP B 105 6.19 11.27 35.86
C ASP B 105 7.01 12.40 36.52
N ALA B 106 6.98 13.56 35.87
CA ALA B 106 7.83 14.74 36.17
C ALA B 106 9.26 14.67 35.59
N VAL B 107 9.66 13.50 35.08
CA VAL B 107 10.97 13.33 34.49
C VAL B 107 11.14 14.01 33.11
N PHE B 108 10.18 13.84 32.21
CA PHE B 108 10.40 14.30 30.83
C PHE B 108 9.85 15.69 30.57
N THR B 109 10.51 16.40 29.67
CA THR B 109 9.95 17.68 29.19
C THR B 109 8.78 17.39 28.26
N ASP B 110 7.92 18.39 28.07
CA ASP B 110 6.82 18.29 27.12
C ASP B 110 7.30 17.94 25.71
N LEU B 111 8.44 18.50 25.31
CA LEU B 111 9.01 18.23 24.00
C LEU B 111 9.32 16.74 23.93
N GLU B 112 9.88 16.18 25.00
CA GLU B 112 10.26 14.77 25.07
C GLU B 112 9.03 13.88 24.96
N ILE B 113 7.97 14.30 25.64
CA ILE B 113 6.72 13.59 25.59
C ILE B 113 6.21 13.64 24.14
N LEU B 114 6.25 14.82 23.53
CA LEU B 114 5.76 15.00 22.17
C LEU B 114 6.48 14.07 21.20
N ALA B 115 7.79 13.96 21.37
CA ALA B 115 8.59 13.15 20.51
C ALA B 115 8.23 11.69 20.65
N ALA B 116 8.14 11.22 21.90
CA ALA B 116 7.93 9.80 22.13
C ALA B 116 6.58 9.37 21.54
N ILE B 117 5.57 10.21 21.69
CA ILE B 117 4.25 9.90 21.16
C ILE B 117 4.23 10.01 19.62
N PHE B 118 4.86 11.05 19.08
CA PHE B 118 4.93 11.18 17.61
C PHE B 118 5.67 9.96 17.08
N ALA B 119 6.80 9.64 17.71
CA ALA B 119 7.63 8.50 17.28
C ALA B 119 6.78 7.22 17.23
N ALA B 120 6.08 6.94 18.32
CA ALA B 120 5.16 5.81 18.40
C ALA B 120 4.25 5.82 17.20
N ALA B 121 3.67 6.99 16.91
CA ALA B 121 2.72 7.12 15.82
C ALA B 121 3.27 6.85 14.39
N ILE B 122 4.53 7.21 14.11
CA ILE B 122 5.06 7.03 12.76
C ILE B 122 5.90 5.75 12.62
N HIS B 123 6.30 5.15 13.74
CA HIS B 123 7.31 4.08 13.72
C HIS B 123 7.14 2.90 12.77
N ASP B 124 5.95 2.65 12.25
CA ASP B 124 5.80 1.63 11.23
C ASP B 124 5.14 2.09 9.95
N VAL B 125 4.92 3.39 9.77
CA VAL B 125 4.18 3.88 8.59
C VAL B 125 4.77 3.36 7.26
N ASP B 126 3.90 3.12 6.29
CA ASP B 126 4.29 2.60 4.98
C ASP B 126 4.94 1.20 5.05
N HIS B 127 4.54 0.45 6.07
CA HIS B 127 5.03 -0.92 6.24
C HIS B 127 4.49 -1.83 5.19
N PRO B 128 5.36 -2.54 4.45
CA PRO B 128 4.90 -3.37 3.34
C PRO B 128 4.51 -4.77 3.78
N GLY B 129 4.73 -5.07 5.04
CA GLY B 129 4.38 -6.37 5.61
C GLY B 129 5.42 -7.45 5.54
N VAL B 130 6.70 -7.07 5.40
CA VAL B 130 7.82 -8.03 5.28
C VAL B 130 8.98 -7.52 6.12
N SER B 131 9.83 -8.44 6.58
CA SER B 131 10.95 -8.06 7.42
C SER B 131 12.04 -7.32 6.63
N ASN B 132 12.92 -6.65 7.36
CA ASN B 132 14.15 -6.10 6.79
C ASN B 132 14.91 -7.10 5.93
N GLN B 133 15.13 -8.29 6.46
CA GLN B 133 15.83 -9.35 5.77
C GLN B 133 15.20 -9.79 4.43
N PHE B 134 13.88 -9.91 4.36
CA PHE B 134 13.19 -9.98 3.05
C PHE B 134 13.67 -8.92 2.06
N LEU B 135 13.67 -7.65 2.48
CA LEU B 135 14.02 -6.57 1.54
C LEU B 135 15.47 -6.66 1.15
N ILE B 136 16.28 -7.13 2.10
CA ILE B 136 17.70 -7.24 1.86
C ILE B 136 17.95 -8.35 0.84
N ASN B 137 17.15 -9.41 0.96
CA ASN B 137 17.31 -10.60 0.12
C ASN B 137 16.83 -10.35 -1.30
N THR B 138 15.77 -9.56 -1.45
CA THR B 138 15.32 -9.18 -2.77
C THR B 138 16.06 -7.98 -3.34
N ASN B 139 17.01 -7.41 -2.59
CA ASN B 139 17.69 -6.21 -3.05
C ASN B 139 16.74 -5.02 -3.31
N SER B 140 15.71 -4.88 -2.47
CA SER B 140 14.85 -3.71 -2.45
C SER B 140 15.70 -2.46 -2.53
N GLU B 141 15.16 -1.45 -3.23
CA GLU B 141 15.80 -0.12 -3.32
C GLU B 141 15.95 0.50 -1.91
N LEU B 142 14.98 0.26 -1.05
CA LEU B 142 15.07 0.62 0.39
C LEU B 142 16.36 0.08 1.07
N ALA B 143 16.69 -1.20 0.81
CA ALA B 143 17.89 -1.79 1.39
C ALA B 143 19.15 -1.23 0.73
N LEU B 144 19.04 -0.85 -0.55
CA LEU B 144 20.20 -0.28 -1.20
C LEU B 144 20.51 1.15 -0.74
N MET B 145 19.50 1.96 -0.44
CA MET B 145 19.75 3.34 -0.02
C MET B 145 20.18 3.39 1.45
N TYR B 146 19.76 2.41 2.24
CA TYR B 146 20.15 2.41 3.64
C TYR B 146 21.24 1.39 3.99
N ASN B 147 21.88 0.83 2.97
CA ASN B 147 23.02 -0.02 3.18
C ASN B 147 22.72 -1.25 4.00
N ASP B 148 21.53 -1.81 3.78
CA ASP B 148 20.99 -2.96 4.54
C ASP B 148 20.82 -2.77 6.07
N GLU B 149 21.03 -1.54 6.56
CA GLU B 149 20.93 -1.21 7.98
C GLU B 149 19.61 -0.51 8.39
N SER B 150 18.89 -1.11 9.34
CA SER B 150 17.60 -0.64 9.86
C SER B 150 16.67 -0.22 8.77
N VAL B 151 16.54 -1.10 7.78
CA VAL B 151 16.02 -0.67 6.49
C VAL B 151 14.67 -0.03 6.57
N LEU B 152 13.72 -0.77 7.08
CA LEU B 152 12.37 -0.26 7.24
C LEU B 152 12.29 0.84 8.30
N GLU B 153 13.09 0.74 9.37
CA GLU B 153 13.07 1.79 10.37
C GLU B 153 13.51 3.13 9.83
N ASN B 154 14.52 3.13 8.95
CA ASN B 154 14.89 4.37 8.22
C ASN B 154 13.75 4.86 7.31
N HIS B 155 13.12 3.91 6.62
CA HIS B 155 11.99 4.27 5.77
C HIS B 155 10.84 4.85 6.57
N HIS B 156 10.51 4.27 7.72
CA HIS B 156 9.39 4.83 8.53
C HIS B 156 9.60 6.29 8.92
N LEU B 157 10.80 6.59 9.38
CA LEU B 157 11.24 7.95 9.69
C LEU B 157 11.09 8.88 8.49
N ALA B 158 11.62 8.48 7.35
CA ALA B 158 11.59 9.34 6.16
C ALA B 158 10.15 9.72 5.86
N VAL B 159 9.24 8.72 5.84
CA VAL B 159 7.85 8.95 5.49
C VAL B 159 7.18 9.84 6.53
N GLY B 160 7.32 9.45 7.80
CA GLY B 160 6.72 10.17 8.90
C GLY B 160 7.13 11.62 8.92
N PHE B 161 8.40 11.89 8.67
CA PHE B 161 8.85 13.29 8.57
C PHE B 161 8.37 14.02 7.32
N LYS B 162 8.38 13.34 6.17
CA LYS B 162 8.03 14.01 4.91
C LYS B 162 6.55 14.38 4.88
N LEU B 163 5.69 13.55 5.49
CA LEU B 163 4.26 13.86 5.44
C LEU B 163 3.96 15.18 6.17
N LEU B 164 4.82 15.58 7.13
CA LEU B 164 4.76 16.98 7.64
C LEU B 164 4.78 18.07 6.58
N GLN B 165 5.33 17.73 5.41
CA GLN B 165 5.57 18.69 4.33
C GLN B 165 4.39 18.82 3.39
N GLU B 166 3.43 17.88 3.48
CA GLU B 166 2.21 17.94 2.69
C GLU B 166 1.38 19.12 3.20
N GLU B 167 0.42 19.55 2.38
CA GLU B 167 -0.30 20.81 2.63
C GLU B 167 -1.04 20.83 3.95
N HIS B 168 -0.80 21.87 4.76
CA HIS B 168 -1.51 22.06 6.04
C HIS B 168 -1.29 20.93 7.00
N CYS B 169 -0.08 20.35 6.98
CA CYS B 169 0.23 19.14 7.78
C CYS B 169 1.36 19.31 8.77
N ASP B 170 1.88 20.53 8.88
CA ASP B 170 3.04 20.76 9.72
C ASP B 170 2.64 21.02 11.15
N ILE B 171 2.44 19.94 11.88
CA ILE B 171 2.13 20.04 13.29
C ILE B 171 3.26 20.67 14.13
N PHE B 172 4.44 20.81 13.56
CA PHE B 172 5.62 21.38 14.27
C PHE B 172 5.98 22.79 13.82
N MET B 173 5.05 23.41 13.10
CA MET B 173 5.23 24.75 12.59
C MET B 173 5.70 25.76 13.68
N ASN B 174 5.08 25.68 14.85
CA ASN B 174 5.34 26.65 15.91
C ASN B 174 6.41 26.23 16.89
N LEU B 175 7.11 25.14 16.62
CA LEU B 175 8.31 24.78 17.34
C LEU B 175 9.46 25.67 16.86
N THR B 176 10.33 26.05 17.76
CA THR B 176 11.47 26.81 17.37
C THR B 176 12.33 25.87 16.58
N LYS B 177 13.28 26.43 15.85
CA LYS B 177 14.17 25.62 15.05
C LYS B 177 14.95 24.64 15.92
N LYS B 178 15.43 25.14 17.06
CA LYS B 178 16.21 24.33 17.96
C LYS B 178 15.36 23.19 18.53
N GLN B 179 14.14 23.52 18.94
CA GLN B 179 13.23 22.49 19.40
C GLN B 179 13.06 21.42 18.33
N ARG B 180 12.89 21.83 17.07
CA ARG B 180 12.73 20.91 15.95
C ARG B 180 13.90 19.95 15.81
N GLN B 181 15.12 20.46 15.91
CA GLN B 181 16.26 19.56 15.75
C GLN B 181 16.38 18.58 16.91
N THR B 182 16.04 19.05 18.11
CA THR B 182 16.04 18.23 19.30
C THR B 182 14.99 17.14 19.18
N LEU B 183 13.79 17.50 18.71
CA LEU B 183 12.73 16.53 18.50
C LEU B 183 13.09 15.47 17.45
N ARG B 184 13.60 15.93 16.31
CA ARG B 184 14.02 15.08 15.21
C ARG B 184 14.99 14.00 15.68
N LYS B 185 15.98 14.41 16.45
CA LYS B 185 17.05 13.52 16.90
C LYS B 185 16.49 12.47 17.88
N MET B 186 15.61 12.89 18.77
CA MET B 186 14.94 12.00 19.70
C MET B 186 14.03 11.01 18.98
N VAL B 187 13.26 11.52 18.03
CA VAL B 187 12.38 10.62 17.24
C VAL B 187 13.18 9.55 16.47
N ILE B 188 14.31 9.97 15.89
CA ILE B 188 15.18 9.07 15.13
C ILE B 188 15.69 7.96 16.05
N ASP B 189 16.24 8.32 17.22
CA ASP B 189 16.77 7.32 18.15
C ASP B 189 15.67 6.40 18.58
N MET B 190 14.46 6.95 18.82
CA MET B 190 13.35 6.11 19.25
C MET B 190 12.93 5.14 18.15
N VAL B 191 12.81 5.60 16.90
CA VAL B 191 12.35 4.70 15.83
C VAL B 191 13.40 3.62 15.48
N LEU B 192 14.67 3.99 15.36
CA LEU B 192 15.73 3.02 15.23
C LEU B 192 15.74 1.96 16.32
N ALA B 193 15.31 2.32 17.53
CA ALA B 193 15.34 1.39 18.65
C ALA B 193 14.31 0.29 18.49
N THR B 194 13.42 0.41 17.49
CA THR B 194 12.35 -0.57 17.28
C THR B 194 12.83 -1.69 16.34
N ASP B 195 14.07 -1.56 15.85
CA ASP B 195 14.68 -2.55 14.99
C ASP B 195 15.07 -3.78 15.82
N MET B 196 14.36 -4.90 15.64
CA MET B 196 14.61 -6.12 16.43
C MET B 196 16.08 -6.59 16.45
N SER B 197 16.79 -6.39 15.33
CA SER B 197 18.20 -6.83 15.27
C SER B 197 19.03 -6.15 16.34
N LYS B 198 18.49 -5.09 16.93
CA LYS B 198 19.20 -4.34 17.97
C LYS B 198 18.61 -4.55 19.39
N HIS B 199 17.64 -5.43 19.50
CA HIS B 199 17.01 -5.69 20.80
C HIS B 199 18.01 -6.01 21.89
N MET B 200 18.92 -6.96 21.62
CA MET B 200 19.84 -7.51 22.63
C MET B 200 20.83 -6.47 23.19
N SER B 201 21.38 -5.61 22.34
CA SER B 201 22.32 -4.62 22.84
C SER B 201 21.55 -3.56 23.62
N LEU B 202 20.31 -3.35 23.20
CA LEU B 202 19.46 -2.34 23.84
C LEU B 202 19.11 -2.79 25.24
N LEU B 203 18.81 -4.08 25.40
CA LEU B 203 18.44 -4.62 26.67
C LEU B 203 19.66 -4.72 27.57
N ALA B 204 20.77 -5.16 26.98
CA ALA B 204 22.03 -5.16 27.73
C ALA B 204 22.31 -3.78 28.34
N ASP B 205 22.26 -2.75 27.50
CA ASP B 205 22.50 -1.38 27.96
C ASP B 205 21.47 -0.99 29.00
N LEU B 206 20.25 -1.50 28.88
CA LEU B 206 19.24 -1.15 29.87
C LEU B 206 19.53 -1.77 31.25
N LYS B 207 20.13 -2.95 31.25
CA LYS B 207 20.47 -3.65 32.49
C LYS B 207 21.53 -2.87 33.19
N THR B 208 22.62 -2.60 32.46
CA THR B 208 23.69 -1.74 32.94
C THR B 208 23.15 -0.48 33.59
N MET B 209 22.35 0.26 32.83
CA MET B 209 21.81 1.52 33.34
C MET B 209 20.99 1.33 34.61
N VAL B 210 20.23 0.22 34.71
CA VAL B 210 19.39 -0.08 35.88
C VAL B 210 20.27 -0.35 37.10
N GLU B 211 21.41 -1.03 36.89
CA GLU B 211 22.33 -1.39 37.98
C GLU B 211 22.85 -0.18 38.74
N THR B 212 22.76 0.99 38.11
CA THR B 212 23.33 2.22 38.65
C THR B 212 22.27 3.32 38.73
N LYS B 213 20.99 2.93 38.72
CA LYS B 213 19.91 3.92 38.74
C LYS B 213 19.86 4.65 40.07
N LYS B 214 19.34 5.89 40.02
CA LYS B 214 19.16 6.74 41.19
C LYS B 214 17.68 7.09 41.30
N VAL B 215 17.12 6.98 42.50
CA VAL B 215 15.73 7.36 42.75
C VAL B 215 15.60 8.40 43.85
N THR B 216 14.57 9.23 43.77
CA THR B 216 14.26 10.16 44.85
C THR B 216 13.78 9.40 46.07
N SER B 217 13.93 10.04 47.22
CA SER B 217 13.47 9.54 48.50
C SER B 217 12.01 9.09 48.45
N SER B 218 11.25 9.69 47.53
CA SER B 218 9.84 9.35 47.35
C SER B 218 9.57 8.22 46.33
N GLY B 219 10.36 8.16 45.26
CA GLY B 219 10.25 7.05 44.28
C GLY B 219 10.36 7.44 42.81
N VAL B 220 10.84 8.64 42.54
CA VAL B 220 11.01 9.14 41.18
C VAL B 220 12.44 8.99 40.68
N LEU B 221 12.57 8.52 39.45
CA LEU B 221 13.86 8.26 38.84
C LEU B 221 14.65 9.56 38.59
N LEU B 222 15.94 9.53 38.88
CA LEU B 222 16.84 10.60 38.48
C LEU B 222 17.56 10.31 37.16
N LEU B 223 17.14 11.06 36.14
CA LEU B 223 17.80 11.07 34.85
C LEU B 223 18.14 12.53 34.54
N ASP B 224 19.36 12.86 34.86
CA ASP B 224 19.85 14.22 34.93
C ASP B 224 20.25 14.78 33.57
N ASN B 225 21.02 13.97 32.81
CA ASN B 225 21.51 14.32 31.48
C ASN B 225 20.71 13.68 30.33
N TYR B 226 20.90 14.20 29.12
CA TYR B 226 20.16 13.75 27.94
C TYR B 226 20.36 12.26 27.58
N THR B 227 21.59 11.80 27.68
CA THR B 227 21.89 10.44 27.24
C THR B 227 21.08 9.43 28.04
N ASP B 228 20.65 9.81 29.23
CA ASP B 228 19.94 8.88 30.08
C ASP B 228 18.45 8.88 29.86
N ARG B 229 17.91 10.06 29.63
CA ARG B 229 16.48 10.23 29.36
C ARG B 229 16.13 9.65 28.01
N ILE B 230 17.06 9.79 27.05
CA ILE B 230 16.86 9.22 25.75
C ILE B 230 16.96 7.71 25.76
N GLN B 231 17.80 7.16 26.65
CA GLN B 231 17.93 5.72 26.70
C GLN B 231 16.65 5.07 27.27
N VAL B 232 16.00 5.74 28.21
CA VAL B 232 14.69 5.28 28.69
C VAL B 232 13.66 5.43 27.58
N LEU B 233 13.73 6.55 26.86
CA LEU B 233 12.80 6.76 25.77
C LEU B 233 12.87 5.66 24.71
N ARG B 234 14.09 5.32 24.29
CA ARG B 234 14.31 4.25 23.34
C ARG B 234 13.71 2.94 23.82
N ASN B 235 14.00 2.57 25.05
CA ASN B 235 13.46 1.36 25.63
C ASN B 235 11.96 1.41 25.86
N MET B 236 11.45 2.59 26.22
CA MET B 236 10.02 2.72 26.37
C MET B 236 9.30 2.42 25.07
N VAL B 237 9.76 3.05 23.99
CA VAL B 237 9.06 2.84 22.69
C VAL B 237 9.13 1.37 22.29
N HIS B 238 10.27 0.76 22.55
CA HIS B 238 10.53 -0.58 22.18
C HIS B 238 9.65 -1.50 23.01
N CYS B 239 9.47 -1.20 24.31
CA CYS B 239 8.52 -1.95 25.15
C CYS B 239 7.09 -1.85 24.66
N ALA B 240 6.68 -0.61 24.39
CA ALA B 240 5.36 -0.37 23.81
C ALA B 240 5.23 -1.19 22.54
N ASP B 241 6.27 -1.16 21.71
CA ASP B 241 6.21 -1.89 20.44
C ASP B 241 6.04 -3.37 20.77
N LEU B 242 6.63 -3.79 21.88
CA LEU B 242 6.55 -5.21 22.21
C LEU B 242 5.56 -5.47 23.35
N SER B 243 4.42 -4.77 23.38
CA SER B 243 3.58 -4.78 24.55
C SER B 243 2.35 -5.73 24.41
N ASN B 244 2.14 -6.25 23.21
CA ASN B 244 1.02 -7.13 22.91
C ASN B 244 0.89 -8.28 23.94
N PRO B 245 1.93 -9.11 24.12
CA PRO B 245 1.81 -10.20 25.14
C PRO B 245 1.54 -9.77 26.59
N THR B 246 1.77 -8.49 26.93
CA THR B 246 1.52 -7.99 28.29
C THR B 246 0.08 -7.45 28.44
N LYS B 247 -0.66 -7.39 27.35
CA LYS B 247 -2.01 -6.86 27.40
C LYS B 247 -2.94 -8.01 27.81
N SER B 248 -4.15 -7.67 28.23
CA SER B 248 -5.16 -8.65 28.56
C SER B 248 -5.22 -9.70 27.43
N LEU B 249 -5.43 -10.96 27.79
CA LEU B 249 -5.37 -12.06 26.81
C LEU B 249 -6.24 -11.93 25.54
N GLU B 250 -7.41 -11.32 25.68
CA GLU B 250 -8.34 -11.08 24.57
C GLU B 250 -7.62 -10.28 23.50
N LEU B 251 -6.92 -9.24 23.91
CA LEU B 251 -6.16 -8.41 23.01
C LEU B 251 -5.02 -9.22 22.39
N TYR B 252 -4.14 -9.72 23.25
CA TYR B 252 -2.94 -10.48 22.83
C TYR B 252 -3.25 -11.54 21.77
N ARG B 253 -4.33 -12.31 21.96
CA ARG B 253 -4.72 -13.35 20.98
C ARG B 253 -4.99 -12.76 19.59
N GLN B 254 -5.67 -11.60 19.56
CA GLN B 254 -5.97 -10.90 18.32
C GLN B 254 -4.72 -10.33 17.66
N TRP B 255 -3.80 -9.82 18.45
CA TRP B 255 -2.53 -9.35 17.90
C TRP B 255 -1.73 -10.47 17.36
N THR B 256 -1.71 -11.60 18.09
CA THR B 256 -1.01 -12.80 17.63
C THR B 256 -1.56 -13.35 16.32
N ASP B 257 -2.86 -13.52 16.20
CA ASP B 257 -3.41 -14.04 14.92
C ASP B 257 -3.09 -13.09 13.76
N ARG B 258 -2.97 -11.78 14.01
CA ARG B 258 -2.69 -10.84 12.93
C ARG B 258 -1.25 -10.97 12.46
N ILE B 259 -0.33 -11.00 13.40
CA ILE B 259 1.07 -11.16 13.07
C ILE B 259 1.34 -12.50 12.39
N MET B 260 0.68 -13.53 12.90
CA MET B 260 0.74 -14.86 12.29
C MET B 260 0.21 -14.82 10.87
N GLU B 261 -0.89 -14.12 10.65
CA GLU B 261 -1.33 -14.00 9.26
C GLU B 261 -0.29 -13.28 8.38
N GLU B 262 0.29 -12.19 8.88
CA GLU B 262 1.28 -11.42 8.13
C GLU B 262 2.51 -12.31 7.81
N PHE B 263 2.97 -13.08 8.80
CA PHE B 263 4.12 -13.93 8.63
C PHE B 263 3.92 -14.96 7.54
N PHE B 264 2.77 -15.60 7.55
CA PHE B 264 2.46 -16.59 6.52
C PHE B 264 2.38 -15.93 5.16
N GLN B 265 1.89 -14.70 5.14
CA GLN B 265 1.95 -13.91 3.94
C GLN B 265 3.39 -13.77 3.44
N GLN B 266 4.32 -13.38 4.31
CA GLN B 266 5.70 -13.27 3.86
C GLN B 266 6.24 -14.62 3.38
N GLY B 267 5.74 -15.68 3.96
CA GLY B 267 6.15 -17.04 3.56
C GLY B 267 5.69 -17.29 2.14
N ASP B 268 4.47 -16.86 1.85
CA ASP B 268 3.94 -17.01 0.47
C ASP B 268 4.80 -16.27 -0.55
N LYS B 269 5.01 -14.97 -0.30
CA LYS B 269 5.93 -14.12 -1.07
C LYS B 269 7.33 -14.73 -1.33
N GLU B 270 7.95 -15.29 -0.31
CA GLU B 270 9.24 -15.97 -0.42
C GLU B 270 9.15 -17.12 -1.41
N ARG B 271 8.10 -17.92 -1.24
CA ARG B 271 7.80 -19.03 -2.11
C ARG B 271 7.60 -18.49 -3.51
N GLU B 272 6.84 -17.39 -3.67
CA GLU B 272 6.54 -16.83 -5.00
C GLU B 272 7.78 -16.30 -5.71
N ARG B 273 8.69 -15.69 -4.96
CA ARG B 273 9.85 -15.11 -5.59
C ARG B 273 11.00 -16.10 -5.62
N GLY B 274 10.72 -17.37 -5.30
CA GLY B 274 11.75 -18.38 -5.14
C GLY B 274 12.98 -17.92 -4.35
N MET B 275 12.78 -17.36 -3.16
CA MET B 275 13.91 -16.85 -2.40
C MET B 275 14.85 -18.01 -2.05
N GLU B 276 16.16 -17.80 -2.21
CA GLU B 276 17.17 -18.84 -1.90
C GLU B 276 17.30 -19.00 -0.38
N ILE B 277 16.19 -19.36 0.25
CA ILE B 277 16.10 -19.44 1.71
C ILE B 277 15.33 -20.68 2.10
N SER B 278 15.59 -21.20 3.30
CA SER B 278 14.83 -22.30 3.88
C SER B 278 13.35 -21.94 3.97
N PRO B 279 12.47 -22.82 3.45
CA PRO B 279 11.07 -22.44 3.35
C PRO B 279 10.39 -22.46 4.71
N MET B 280 9.69 -21.36 5.00
CA MET B 280 9.01 -21.13 6.25
C MET B 280 7.74 -21.96 6.33
N CYS B 281 7.58 -22.68 7.42
CA CYS B 281 6.36 -23.39 7.79
C CYS B 281 5.13 -22.49 7.61
N ASP B 282 4.02 -23.05 7.12
CA ASP B 282 2.75 -22.30 7.01
C ASP B 282 1.73 -22.69 8.10
N LYS B 283 0.52 -22.11 8.03
CA LYS B 283 -0.50 -22.26 9.08
C LYS B 283 -0.88 -23.73 9.39
N HIS B 284 -0.54 -24.64 8.49
CA HIS B 284 -0.75 -26.07 8.70
C HIS B 284 0.33 -26.68 9.54
N THR B 285 1.55 -26.16 9.40
CA THR B 285 2.76 -26.80 9.91
C THR B 285 3.41 -26.01 11.03
N ALA B 286 2.96 -24.79 11.24
CA ALA B 286 3.55 -23.92 12.24
C ALA B 286 2.92 -24.21 13.60
N SER B 287 3.72 -24.15 14.65
CA SER B 287 3.22 -24.35 16.01
C SER B 287 3.10 -23.01 16.72
N VAL B 288 2.06 -22.26 16.38
CA VAL B 288 1.89 -20.88 16.85
C VAL B 288 2.07 -20.82 18.37
N GLU B 289 1.40 -21.71 19.10
CA GLU B 289 1.37 -21.70 20.57
C GLU B 289 2.77 -21.93 21.12
N LYS B 290 3.43 -22.97 20.59
CA LYS B 290 4.80 -23.24 20.95
C LYS B 290 5.70 -22.02 20.67
N SER B 291 5.57 -21.44 19.48
CA SER B 291 6.41 -20.29 19.07
C SER B 291 6.21 -19.06 19.94
N GLN B 292 5.03 -18.89 20.52
CA GLN B 292 4.78 -17.76 21.44
C GLN B 292 5.51 -17.89 22.75
N VAL B 293 5.44 -19.06 23.36
CA VAL B 293 6.13 -19.28 24.60
C VAL B 293 7.59 -18.91 24.43
N GLY B 294 8.17 -19.33 23.29
CA GLY B 294 9.57 -19.08 22.97
C GLY B 294 9.91 -17.62 22.74
N PHE B 295 9.07 -16.94 21.96
CA PHE B 295 9.20 -15.51 21.76
C PHE B 295 9.19 -14.80 23.11
N ILE B 296 8.28 -15.21 23.98
CA ILE B 296 8.19 -14.57 25.29
C ILE B 296 9.46 -14.77 26.11
N ASP B 297 10.00 -15.99 26.13
CA ASP B 297 11.18 -16.29 26.98
C ASP B 297 12.48 -15.76 26.41
N TYR B 298 12.57 -15.71 25.10
CA TYR B 298 13.76 -15.19 24.44
C TYR B 298 13.74 -13.66 24.45
N ILE B 299 12.58 -13.07 24.13
CA ILE B 299 12.48 -11.62 23.85
C ILE B 299 11.69 -10.83 24.88
N VAL B 300 10.41 -11.14 25.01
CA VAL B 300 9.48 -10.24 25.67
C VAL B 300 9.67 -10.17 27.16
N HIS B 301 9.76 -11.35 27.77
CA HIS B 301 9.86 -11.43 29.18
C HIS B 301 11.14 -10.80 29.70
N PRO B 302 12.30 -11.15 29.14
CA PRO B 302 13.51 -10.51 29.65
C PRO B 302 13.43 -8.99 29.60
N LEU B 303 12.92 -8.46 28.48
CA LEU B 303 12.80 -7.02 28.33
C LEU B 303 11.86 -6.42 29.36
N TRP B 304 10.68 -7.00 29.50
CA TRP B 304 9.71 -6.47 30.46
C TRP B 304 10.13 -6.58 31.90
N GLU B 305 10.81 -7.67 32.25
CA GLU B 305 11.34 -7.79 33.61
C GLU B 305 12.47 -6.77 33.88
N THR B 306 13.25 -6.43 32.86
CA THR B 306 14.21 -5.34 33.06
C THR B 306 13.52 -3.97 33.17
N TRP B 307 12.37 -3.82 32.50
CA TRP B 307 11.65 -2.53 32.56
C TRP B 307 11.02 -2.37 33.90
N ALA B 308 10.53 -3.49 34.40
CA ALA B 308 9.86 -3.57 35.70
C ALA B 308 10.82 -3.17 36.80
N ASP B 309 12.08 -3.48 36.56
CA ASP B 309 13.16 -3.23 37.49
C ASP B 309 13.48 -1.74 37.57
N LEU B 310 13.28 -1.06 36.45
CA LEU B 310 13.66 0.32 36.31
C LEU B 310 12.61 1.15 37.00
N VAL B 311 11.37 0.68 36.95
CA VAL B 311 10.23 1.42 37.46
C VAL B 311 9.46 0.74 38.61
N GLN B 312 10.05 -0.31 39.21
CA GLN B 312 9.39 -1.03 40.32
C GLN B 312 8.80 -0.06 41.35
N PRO B 313 7.56 -0.35 41.84
CA PRO B 313 6.83 -1.57 41.49
C PRO B 313 5.86 -1.36 40.32
N ASP B 314 6.04 -0.27 39.58
CA ASP B 314 4.97 0.27 38.72
C ASP B 314 4.48 -0.66 37.63
N ALA B 315 5.37 -1.49 37.11
CA ALA B 315 5.03 -2.43 36.04
C ALA B 315 4.63 -3.85 36.55
N GLN B 316 4.42 -3.96 37.86
CA GLN B 316 4.23 -5.25 38.47
C GLN B 316 3.10 -6.05 37.89
N ASP B 317 1.99 -5.40 37.56
CA ASP B 317 0.84 -6.10 36.97
C ASP B 317 1.07 -6.42 35.48
N ILE B 318 1.90 -5.61 34.84
CA ILE B 318 2.27 -5.86 33.46
C ILE B 318 2.91 -7.25 33.38
N LEU B 319 3.89 -7.47 34.25
CA LEU B 319 4.60 -8.75 34.35
C LEU B 319 3.72 -9.88 34.78
N ASP B 320 2.71 -9.59 35.60
CA ASP B 320 1.77 -10.61 36.04
C ASP B 320 0.91 -11.16 34.91
N THR B 321 0.42 -10.26 34.05
CA THR B 321 -0.35 -10.62 32.90
C THR B 321 0.53 -11.36 31.89
N LEU B 322 1.75 -10.88 31.67
CA LEU B 322 2.63 -11.55 30.69
C LEU B 322 2.82 -13.01 31.10
N GLU B 323 3.33 -13.20 32.30
CA GLU B 323 3.43 -14.51 32.92
C GLU B 323 2.17 -15.38 32.70
N ASP B 324 1.01 -14.88 33.07
CA ASP B 324 -0.24 -15.61 32.87
C ASP B 324 -0.48 -15.93 31.39
N ASN B 325 -0.26 -14.94 30.54
CA ASN B 325 -0.41 -15.14 29.10
C ASN B 325 0.57 -16.14 28.53
N ARG B 326 1.84 -16.04 28.90
CA ARG B 326 2.82 -17.04 28.50
C ARG B 326 2.34 -18.44 28.94
N ASN B 327 2.03 -18.59 30.24
CA ASN B 327 1.59 -19.89 30.78
C ASN B 327 0.33 -20.42 30.12
N TRP B 328 -0.51 -19.52 29.62
CA TRP B 328 -1.72 -19.92 28.90
C TRP B 328 -1.41 -20.50 27.54
N TYR B 329 -0.61 -19.79 26.73
CA TYR B 329 -0.18 -20.30 25.45
C TYR B 329 0.51 -21.66 25.63
N GLN B 330 1.26 -21.81 26.71
CA GLN B 330 2.06 -23.01 26.92
C GLN B 330 1.16 -24.21 27.10
N SER B 331 0.11 -24.04 27.89
CA SER B 331 -0.87 -25.08 28.15
C SER B 331 -1.76 -25.33 26.94
N MET B 332 -1.59 -24.53 25.90
CA MET B 332 -2.43 -24.64 24.70
C MET B 332 -1.76 -25.32 23.56
N ILE B 333 -0.53 -25.78 23.76
CA ILE B 333 0.15 -26.56 22.74
C ILE B 333 -0.48 -27.95 22.67
N PRO B 334 -0.92 -28.39 21.46
CA PRO B 334 -1.54 -29.73 21.29
C PRO B 334 -0.55 -30.90 21.19
N CYS B 348 11.00 -27.96 7.03
CA CYS B 348 10.25 -26.79 7.46
C CYS B 348 11.10 -25.89 8.40
N GLN B 349 11.05 -24.58 8.19
CA GLN B 349 11.56 -23.61 9.18
C GLN B 349 10.40 -23.07 10.04
N GLY B 350 10.48 -23.35 11.34
CA GLY B 350 9.58 -22.81 12.33
C GLY B 350 9.84 -21.33 12.48
N LEU B 351 8.84 -20.61 12.99
CA LEU B 351 8.89 -19.16 13.10
C LEU B 351 10.02 -18.65 13.98
N MET B 352 10.25 -19.36 15.08
CA MET B 352 11.28 -18.99 16.02
C MET B 352 12.63 -19.43 15.49
N GLU B 353 12.65 -20.58 14.79
CA GLU B 353 13.83 -20.99 13.99
C GLU B 353 14.17 -19.87 13.00
N LYS B 354 13.16 -19.37 12.30
CA LYS B 354 13.35 -18.25 11.36
C LYS B 354 13.85 -16.98 12.06
N PHE B 355 13.25 -16.69 13.22
CA PHE B 355 13.54 -15.47 13.94
C PHE B 355 14.97 -15.42 14.49
N GLN B 356 15.40 -16.51 15.14
CA GLN B 356 16.76 -16.60 15.71
C GLN B 356 17.82 -16.77 14.64
N PHE B 357 17.52 -17.56 13.60
CA PHE B 357 18.48 -17.80 12.53
C PHE B 357 18.85 -16.51 11.80
N GLU B 358 17.91 -15.59 11.73
CA GLU B 358 18.15 -14.33 11.10
C GLU B 358 18.56 -13.27 12.09
N LEU B 359 18.03 -13.36 13.31
CA LEU B 359 18.34 -12.32 14.26
C LEU B 359 19.80 -11.93 14.04
N THR B 360 19.97 -10.71 13.55
CA THR B 360 21.28 -10.19 13.20
C THR B 360 21.59 -9.01 14.11
N1 NVW C . -16.30 5.74 -14.98
C1 NVW C . -13.56 5.71 -15.17
N2 NVW C . -14.21 6.85 -14.93
C2 NVW C . -15.55 6.84 -14.86
C3 NVW C . -16.20 8.15 -14.62
N3 NVW C . -12.16 5.75 -15.26
C4 NVW C . -17.49 8.27 -14.14
C5 NVW C . -18.09 9.49 -13.90
C6 NVW C . -17.42 10.67 -14.13
C7 NVW C . -16.13 10.58 -14.61
C8 NVW C . -15.53 9.35 -14.84
C9 NVW C . -15.66 4.59 -15.22
C10 NVW C . -14.29 4.54 -15.32
S1 NVW C . -13.52 2.98 -15.65
C11 NVW C . -14.63 1.86 -14.86
C12 NVW C . -15.97 2.02 -15.52
C13 NVW C . -16.56 3.40 -15.36
O1 NVW C . -13.73 2.70 -17.05
O2 NVW C . -12.24 2.97 -15.00
C14 NVW C . -11.38 6.78 -14.67
C15 NVW C . -11.53 8.11 -15.02
C16 NVW C . -9.65 7.46 -13.13
C17 NVW C . -10.42 6.49 -13.73
C18 NVW C . -9.80 8.78 -13.46
C19 NVW C . -10.76 9.10 -14.43
C20 NVW C . -8.96 9.83 -12.79
C21 NVW C . -9.75 11.11 -12.55
N4 NVW C . -10.61 11.02 -11.45
O3 NVW C . -9.61 12.09 -13.28
C22 NVW C . -11.58 12.02 -10.99
C23 NVW C . -12.76 12.20 -11.92
C24 NVW C . -12.17 11.53 -9.70
C25 NVW C . -10.96 13.37 -10.73
ZN ZN D . -5.44 2.14 -15.69
CA CA E . -3.63 5.54 -14.59
N1 NVW F . 4.91 -13.01 17.82
C1 NVW F . 5.97 -10.56 17.19
N2 NVW F . 6.64 -11.68 16.88
C2 NVW F . 6.08 -12.85 17.19
C3 NVW F . 6.86 -14.05 16.89
N3 NVW F . 6.56 -9.33 16.84
C4 NVW F . 6.30 -15.32 16.97
C5 NVW F . 7.08 -16.43 16.75
C6 NVW F . 8.42 -16.31 16.43
C7 NVW F . 8.98 -15.07 16.34
C8 NVW F . 8.21 -13.95 16.57
C9 NVW F . 4.22 -11.89 18.14
C10 NVW F . 4.75 -10.65 17.84
S1 NVW F . 3.86 -9.19 18.26
C11 NVW F . 2.20 -9.79 18.26
C12 NVW F . 2.07 -10.96 19.24
C13 NVW F . 2.90 -12.15 18.83
O1 NVW F . 4.20 -8.81 19.61
O2 NVW F . 3.99 -8.20 17.22
C14 NVW F . 7.41 -9.28 15.73
C15 NVW F . 8.69 -9.77 15.78
C16 NVW F . 7.84 -8.67 13.43
C17 NVW F . 7.01 -8.73 14.53
C18 NVW F . 9.11 -9.17 13.50
C19 NVW F . 9.52 -9.72 14.69
C20 NVW F . 10.00 -9.11 12.31
C21 NVW F . 10.75 -10.41 12.17
N4 NVW F . 10.01 -11.26 11.39
O3 NVW F . 11.83 -10.62 12.71
C22 NVW F . 10.32 -12.66 11.09
C23 NVW F . 10.40 -13.57 12.31
C24 NVW F . 9.18 -13.20 10.25
C25 NVW F . 11.61 -12.75 10.29
ZN ZN G . 5.78 -1.83 15.47
CA CA H . 8.80 -1.88 13.03
#